data_8SLB
#
_entry.id   8SLB
#
_cell.length_a   137.338
_cell.length_b   44.527
_cell.length_c   150.634
_cell.angle_alpha   90.00
_cell.angle_beta   108.01
_cell.angle_gamma   90.00
#
_symmetry.space_group_name_H-M   'I 1 2 1'
#
loop_
_entity.id
_entity.type
_entity.pdbx_description
1 polymer 'Cobalt/magnesium transport protein CorA'
2 polymer 'sAB C12 Heavy Chain'
3 polymer 'sAB C12 Light Chain'
4 non-polymer 'CHLORIDE ION'
5 water water
#
loop_
_entity_poly.entity_id
_entity_poly.type
_entity_poly.pdbx_seq_one_letter_code
_entity_poly.pdbx_strand_id
1 'polypeptide(L)'
;MGSSHHHHHHSSGRENLYFQGHMEEKRLSAKKGLPPGTLVYTGKYREDFEIEVMNYSIEEFREFKTTDVESVLPFRDSST
PTWINITGIHRTDVVQRVGEFFGIHPLVLEDILNVHQRPKVEFFENYVFIVLKMFTYDKNLHELESEQVSLILTKNCVLM
FQEKIGDVFDPVRERIRYNRGIIRKKRADYLLYSLIDALVDDYFVLLEKIDDEIDVLEEEVLERPEKETVQRTHQLKRNL
VELRKTIWPLREVLSSLYRDVPPLIEKETVPYFRDVYDHTIQIADTVE
;
A
2 'polypeptide(L)'
;EISEVQLVESGGGLVQPGGSLRLSCAASGFNIYYSSIHWVRQAPGKGLEWVASIYSYSGYTSYADSVKGRFTISADTSKN
TAYLQMNSLRAEDTAVYYCARSFYVFKRGTKYPYYNYPAMDYWGQGTLVTVFNQIKGPSVFPLAPSSKSTSGGTAALGCL
VKDYFPEPVTVSWNSGALTSGVHTFPAVLQSSGLYSLSSVVTVPSSSLGTQTYICNVNHKPSNTKVDKKVEPKSCDKTHT
;
H
3 'polypeptide(L)'
;SDIQMTQSPSSLSASVGDRVTITCRASQSVSSAVAWYQQKPGKAPKLLIYSASSLYSGVPSRFSGSRSGTDFTLTISSLQ
PEDFATYYCQQSYYKPITFGQGTKVEIKRTVAAPSVFIFPPSDSQLKSGTASVVCLLNNFYPREAKVQWKVDNALQSGNS
QESVTEQDSKDSTYSLSSTLTLSKADYEKHKVYACEVTHQGLSSPVTKSFNRGEC
;
L
#
loop_
_chem_comp.id
_chem_comp.type
_chem_comp.name
_chem_comp.formula
CL non-polymer 'CHLORIDE ION' 'Cl -1'
#
# COMPACT_ATOMS: atom_id res chain seq x y z
N LYS A 31 5.31 -28.52 -13.68
CA LYS A 31 4.27 -27.79 -12.91
C LYS A 31 3.34 -28.78 -12.21
N LYS A 32 3.48 -30.08 -12.49
CA LYS A 32 2.60 -31.11 -11.88
C LYS A 32 2.66 -31.01 -10.36
N GLY A 33 3.85 -30.88 -9.79
CA GLY A 33 3.93 -30.81 -8.33
C GLY A 33 3.42 -29.51 -7.76
N LEU A 34 3.78 -28.40 -8.41
CA LEU A 34 3.53 -27.01 -7.98
C LEU A 34 2.05 -26.65 -7.80
N PRO A 35 1.70 -25.91 -6.74
CA PRO A 35 0.33 -25.46 -6.54
C PRO A 35 -0.06 -24.26 -7.41
N PRO A 36 -1.36 -23.94 -7.49
CA PRO A 36 -1.86 -22.76 -8.19
C PRO A 36 -1.10 -21.48 -7.86
N GLY A 37 -0.84 -20.63 -8.84
CA GLY A 37 -0.21 -19.34 -8.52
C GLY A 37 1.30 -19.39 -8.56
N THR A 38 1.90 -20.54 -8.84
CA THR A 38 3.38 -20.67 -8.86
C THR A 38 3.92 -20.05 -10.16
N LEU A 39 4.71 -19.00 -10.06
CA LEU A 39 5.24 -18.30 -11.24
C LEU A 39 6.52 -18.99 -11.70
N VAL A 40 6.43 -19.84 -12.73
CA VAL A 40 7.61 -20.56 -13.25
C VAL A 40 7.50 -20.61 -14.77
N TYR A 41 8.58 -20.24 -15.46
CA TYR A 41 8.74 -20.37 -16.91
C TYR A 41 8.95 -21.85 -17.24
N THR A 42 8.16 -22.41 -18.17
CA THR A 42 8.21 -23.87 -18.47
C THR A 42 8.83 -24.13 -19.84
N GLY A 43 9.37 -23.13 -20.52
CA GLY A 43 9.84 -23.23 -21.92
C GLY A 43 11.32 -23.48 -21.96
N LYS A 44 11.96 -23.39 -23.13
CA LYS A 44 13.36 -23.84 -23.33
C LYS A 44 14.28 -22.69 -23.71
N TYR A 45 13.79 -21.46 -23.84
CA TYR A 45 14.61 -20.32 -24.31
C TYR A 45 15.06 -19.45 -23.13
N ARG A 46 16.35 -19.47 -22.83
N ARG A 46 16.36 -19.47 -22.86
CA ARG A 46 16.93 -18.65 -21.73
CA ARG A 46 16.99 -18.74 -21.72
C ARG A 46 18.15 -17.82 -22.20
C ARG A 46 18.12 -17.79 -22.20
N GLU A 47 18.29 -17.64 -23.54
CA GLU A 47 19.41 -16.84 -24.09
C GLU A 47 19.06 -15.35 -23.99
N ASP A 48 18.04 -14.88 -24.69
CA ASP A 48 17.83 -13.44 -24.99
C ASP A 48 17.04 -12.74 -23.89
N PHE A 49 17.36 -11.47 -23.66
CA PHE A 49 16.52 -10.54 -22.89
C PHE A 49 16.64 -9.15 -23.51
N GLU A 50 15.51 -8.60 -24.02
CA GLU A 50 15.42 -7.15 -24.28
C GLU A 50 13.97 -6.69 -24.22
N ILE A 51 13.80 -5.42 -23.90
CA ILE A 51 12.53 -4.68 -23.96
C ILE A 51 12.65 -3.68 -25.09
N GLU A 52 11.60 -3.59 -25.91
CA GLU A 52 11.51 -2.66 -27.04
C GLU A 52 10.21 -1.90 -26.87
N VAL A 53 10.25 -0.58 -26.96
CA VAL A 53 9.06 0.29 -26.79
C VAL A 53 8.85 1.06 -28.08
N MET A 54 7.60 1.22 -28.48
CA MET A 54 7.23 2.19 -29.53
C MET A 54 5.98 2.91 -29.00
N ASN A 55 6.13 4.21 -28.78
CA ASN A 55 5.05 5.10 -28.31
C ASN A 55 4.76 6.04 -29.47
N TYR A 56 3.50 6.24 -29.81
CA TYR A 56 3.22 7.02 -31.06
C TYR A 56 1.91 7.78 -30.90
N SER A 57 1.75 8.77 -31.75
CA SER A 57 0.53 9.59 -31.87
C SER A 57 0.38 9.99 -33.33
N ILE A 58 -0.61 10.80 -33.67
CA ILE A 58 -0.68 11.36 -35.04
C ILE A 58 0.60 12.16 -35.36
N GLU A 59 1.15 12.89 -34.40
CA GLU A 59 2.22 13.92 -34.64
C GLU A 59 3.63 13.32 -34.73
N GLU A 60 3.89 12.25 -33.98
CA GLU A 60 5.27 11.75 -33.74
C GLU A 60 5.25 10.31 -33.25
N PHE A 61 6.40 9.65 -33.30
CA PHE A 61 6.58 8.37 -32.61
C PHE A 61 7.96 8.37 -31.97
N ARG A 62 8.18 7.51 -30.99
CA ARG A 62 9.48 7.33 -30.33
C ARG A 62 9.68 5.83 -30.11
N GLU A 63 10.87 5.31 -30.39
CA GLU A 63 11.19 3.88 -30.11
C GLU A 63 12.54 3.78 -29.42
N PHE A 64 12.67 2.80 -28.53
CA PHE A 64 13.99 2.48 -27.95
C PHE A 64 13.98 1.03 -27.50
N LYS A 65 15.19 0.46 -27.34
CA LYS A 65 15.44 -0.87 -26.74
C LYS A 65 16.17 -0.69 -25.42
N THR A 66 15.91 -1.50 -24.43
CA THR A 66 16.58 -1.37 -23.11
C THR A 66 16.57 -2.72 -22.41
N THR A 67 17.41 -2.88 -21.37
CA THR A 67 17.39 -4.01 -20.42
C THR A 67 17.01 -3.46 -19.06
N ASP A 68 16.54 -2.22 -19.03
CA ASP A 68 16.15 -1.52 -17.78
C ASP A 68 14.63 -1.41 -17.77
N VAL A 69 13.98 -2.30 -17.03
CA VAL A 69 12.50 -2.36 -16.88
C VAL A 69 11.98 -1.04 -16.28
N GLU A 70 12.76 -0.35 -15.44
CA GLU A 70 12.26 0.89 -14.79
C GLU A 70 11.89 1.93 -15.86
N SER A 71 12.46 1.90 -17.06
CA SER A 71 12.30 2.95 -18.10
C SER A 71 11.03 2.69 -18.93
N VAL A 72 10.37 1.53 -18.73
CA VAL A 72 9.11 1.25 -19.48
C VAL A 72 7.89 1.47 -18.59
N LEU A 73 8.04 1.51 -17.28
CA LEU A 73 6.91 1.62 -16.33
C LEU A 73 6.09 2.89 -16.55
N PRO A 74 6.68 4.04 -16.90
CA PRO A 74 5.90 5.28 -17.05
C PRO A 74 4.87 5.29 -18.19
N PHE A 75 5.00 4.38 -19.17
CA PHE A 75 4.08 4.30 -20.31
C PHE A 75 2.74 3.71 -19.83
N ARG A 76 2.70 3.14 -18.63
CA ARG A 76 1.41 2.70 -18.03
C ARG A 76 0.44 3.87 -18.09
N ASP A 77 0.92 5.11 -17.89
CA ASP A 77 0.01 6.25 -17.66
C ASP A 77 0.03 7.16 -18.90
N SER A 78 0.54 6.67 -20.01
CA SER A 78 0.75 7.47 -21.24
C SER A 78 -0.62 7.87 -21.82
N SER A 79 -0.76 9.10 -22.32
CA SER A 79 -2.00 9.56 -23.00
C SER A 79 -2.02 9.07 -24.45
N THR A 80 -0.93 8.51 -24.97
CA THR A 80 -0.84 8.08 -26.39
C THR A 80 -0.45 6.61 -26.38
N PRO A 81 -0.84 5.85 -27.42
CA PRO A 81 -0.64 4.40 -27.43
C PRO A 81 0.82 3.97 -27.41
N THR A 82 1.06 2.87 -26.72
CA THR A 82 2.41 2.32 -26.56
C THR A 82 2.38 0.85 -26.86
N TRP A 83 3.36 0.38 -27.60
CA TRP A 83 3.63 -1.07 -27.77
C TRP A 83 4.86 -1.39 -26.97
N ILE A 84 4.71 -2.17 -25.92
CA ILE A 84 5.85 -2.66 -25.09
C ILE A 84 6.08 -4.12 -25.41
N ASN A 85 7.27 -4.46 -25.90
CA ASN A 85 7.59 -5.84 -26.30
C ASN A 85 8.71 -6.34 -25.37
N ILE A 86 8.40 -7.33 -24.53
CA ILE A 86 9.35 -7.95 -23.57
C ILE A 86 9.67 -9.33 -24.11
N THR A 87 10.94 -9.51 -24.45
CA THR A 87 11.53 -10.74 -25.01
C THR A 87 12.38 -11.38 -23.93
N GLY A 88 12.07 -12.63 -23.56
CA GLY A 88 12.83 -13.43 -22.57
C GLY A 88 12.07 -13.50 -21.28
N ILE A 89 10.90 -14.11 -21.30
CA ILE A 89 10.07 -14.33 -20.08
C ILE A 89 10.75 -15.31 -19.11
N HIS A 90 11.88 -15.95 -19.47
CA HIS A 90 12.70 -16.69 -18.49
C HIS A 90 13.09 -15.73 -17.35
N ARG A 91 13.20 -14.42 -17.63
CA ARG A 91 13.36 -13.36 -16.59
C ARG A 91 12.04 -13.14 -15.86
N THR A 92 11.67 -14.08 -15.04
CA THR A 92 10.33 -14.03 -14.42
C THR A 92 10.30 -12.83 -13.46
N ASP A 93 11.45 -12.33 -13.01
CA ASP A 93 11.51 -11.13 -12.13
C ASP A 93 11.00 -9.92 -12.92
N VAL A 94 11.30 -9.88 -14.20
CA VAL A 94 10.87 -8.74 -15.03
C VAL A 94 9.38 -8.87 -15.32
N VAL A 95 8.90 -10.10 -15.54
CA VAL A 95 7.47 -10.34 -15.79
C VAL A 95 6.68 -9.89 -14.54
N GLN A 96 7.14 -10.26 -13.36
CA GLN A 96 6.47 -9.90 -12.11
C GLN A 96 6.50 -8.39 -11.93
N ARG A 97 7.61 -7.76 -12.21
CA ARG A 97 7.74 -6.31 -11.98
C ARG A 97 6.68 -5.62 -12.84
N VAL A 98 6.73 -5.85 -14.14
CA VAL A 98 5.83 -5.21 -15.14
C VAL A 98 4.41 -5.55 -14.71
N GLY A 99 4.14 -6.83 -14.45
CA GLY A 99 2.78 -7.29 -14.14
C GLY A 99 2.20 -6.58 -12.95
N GLU A 100 2.94 -6.54 -11.87
CA GLU A 100 2.46 -5.92 -10.63
C GLU A 100 2.26 -4.39 -10.80
N PHE A 101 3.11 -3.71 -11.57
CA PHE A 101 2.98 -2.26 -11.78
C PHE A 101 1.75 -1.96 -12.65
N PHE A 102 1.51 -2.80 -13.68
CA PHE A 102 0.43 -2.61 -14.68
C PHE A 102 -0.89 -3.20 -14.14
N GLY A 103 -0.91 -3.81 -12.97
CA GLY A 103 -2.17 -4.32 -12.37
C GLY A 103 -2.63 -5.66 -12.93
N ILE A 104 -1.73 -6.42 -13.53
CA ILE A 104 -2.02 -7.78 -14.09
C ILE A 104 -2.06 -8.80 -12.95
N HIS A 105 -3.16 -9.56 -12.86
CA HIS A 105 -3.37 -10.53 -11.77
C HIS A 105 -2.30 -11.62 -11.79
N PRO A 106 -1.80 -12.07 -10.64
CA PRO A 106 -0.83 -13.16 -10.59
C PRO A 106 -1.17 -14.43 -11.41
N LEU A 107 -2.44 -14.79 -11.56
CA LEU A 107 -2.79 -16.03 -12.32
C LEU A 107 -2.63 -15.77 -13.81
N VAL A 108 -2.72 -14.54 -14.26
CA VAL A 108 -2.41 -14.19 -15.67
C VAL A 108 -0.89 -14.26 -15.90
N LEU A 109 -0.10 -13.77 -14.97
CA LEU A 109 1.39 -13.90 -15.01
C LEU A 109 1.80 -15.38 -15.01
N GLU A 110 1.11 -16.25 -14.27
CA GLU A 110 1.33 -17.71 -14.29
C GLU A 110 1.15 -18.26 -15.71
N ASP A 111 0.06 -17.90 -16.40
CA ASP A 111 -0.23 -18.30 -17.81
C ASP A 111 0.78 -17.70 -18.80
N ILE A 112 1.23 -16.47 -18.66
CA ILE A 112 2.30 -15.93 -19.53
C ILE A 112 3.53 -16.85 -19.45
N LEU A 113 3.90 -17.33 -18.25
CA LEU A 113 5.19 -18.03 -18.05
C LEU A 113 5.02 -19.51 -18.44
N ASN A 114 3.78 -20.00 -18.44
CA ASN A 114 3.51 -21.43 -18.71
C ASN A 114 3.28 -21.55 -20.22
N VAL A 115 4.29 -21.91 -20.98
CA VAL A 115 4.17 -21.76 -22.45
C VAL A 115 3.64 -23.04 -23.08
N HIS A 116 3.05 -23.92 -22.27
CA HIS A 116 2.49 -25.20 -22.74
C HIS A 116 0.97 -25.17 -22.58
N GLN A 117 0.30 -24.28 -23.29
CA GLN A 117 -1.16 -24.23 -23.12
C GLN A 117 -1.81 -23.84 -24.44
N ARG A 118 -3.10 -24.13 -24.53
CA ARG A 118 -3.91 -23.87 -25.72
C ARG A 118 -4.15 -22.36 -25.86
N PRO A 119 -4.04 -21.75 -27.05
CA PRO A 119 -4.40 -20.36 -27.25
C PRO A 119 -5.76 -20.03 -26.63
N LYS A 120 -5.90 -18.83 -26.07
CA LYS A 120 -7.16 -18.42 -25.40
C LYS A 120 -7.19 -16.90 -25.23
N VAL A 121 -8.39 -16.40 -24.97
CA VAL A 121 -8.60 -14.95 -24.67
C VAL A 121 -9.40 -14.89 -23.38
N GLU A 122 -9.04 -13.98 -22.49
CA GLU A 122 -9.70 -13.78 -21.18
C GLU A 122 -9.92 -12.28 -21.07
N PHE A 123 -11.10 -11.90 -20.61
CA PHE A 123 -11.54 -10.50 -20.45
C PHE A 123 -11.55 -10.15 -18.96
N PHE A 124 -10.85 -9.09 -18.59
CA PHE A 124 -10.93 -8.49 -17.23
C PHE A 124 -11.41 -7.05 -17.38
N GLU A 125 -11.77 -6.45 -16.25
CA GLU A 125 -12.35 -5.09 -16.22
C GLU A 125 -11.38 -4.11 -16.91
N ASN A 126 -10.07 -4.17 -16.72
CA ASN A 126 -9.16 -3.12 -17.23
C ASN A 126 -8.21 -3.67 -18.30
N TYR A 127 -8.26 -4.95 -18.64
CA TYR A 127 -7.41 -5.44 -19.72
C TYR A 127 -7.96 -6.71 -20.36
N VAL A 128 -7.50 -6.94 -21.57
CA VAL A 128 -7.76 -8.18 -22.33
C VAL A 128 -6.47 -8.97 -22.36
N PHE A 129 -6.57 -10.27 -22.06
CA PHE A 129 -5.41 -11.17 -22.07
C PHE A 129 -5.56 -12.17 -23.23
N ILE A 130 -4.58 -12.23 -24.09
CA ILE A 130 -4.57 -13.19 -25.22
C ILE A 130 -3.29 -14.02 -25.23
N VAL A 131 -3.42 -15.35 -25.35
CA VAL A 131 -2.27 -16.28 -25.51
C VAL A 131 -2.37 -16.89 -26.92
N LEU A 132 -1.34 -16.74 -27.75
CA LEU A 132 -1.30 -17.26 -29.13
C LEU A 132 0.00 -18.04 -29.33
N LYS A 133 0.05 -18.87 -30.39
CA LYS A 133 1.28 -19.55 -30.84
C LYS A 133 1.82 -18.72 -32.01
N MET A 134 3.13 -18.65 -32.16
CA MET A 134 3.78 -17.96 -33.28
C MET A 134 4.84 -18.89 -33.88
N PHE A 135 4.70 -19.20 -35.16
CA PHE A 135 5.62 -20.06 -35.94
C PHE A 135 6.56 -19.16 -36.78
N THR A 136 7.85 -19.50 -36.83
CA THR A 136 8.99 -18.63 -37.26
C THR A 136 10.13 -19.47 -37.85
N GLU A 143 13.67 -26.24 -40.58
CA GLU A 143 13.91 -25.69 -39.21
C GLU A 143 12.71 -24.84 -38.71
N LEU A 144 11.51 -25.42 -38.66
CA LEU A 144 10.28 -24.80 -38.11
C LEU A 144 10.32 -24.74 -36.58
N GLU A 145 9.98 -23.59 -36.00
CA GLU A 145 9.99 -23.30 -34.54
C GLU A 145 8.63 -22.73 -34.08
N SER A 146 8.20 -23.10 -32.87
CA SER A 146 7.00 -22.53 -32.19
C SER A 146 7.44 -21.73 -30.96
N GLU A 147 6.80 -20.61 -30.68
CA GLU A 147 6.88 -19.98 -29.34
C GLU A 147 5.49 -19.43 -28.97
N GLN A 148 5.26 -19.33 -27.67
CA GLN A 148 4.05 -18.69 -27.16
C GLN A 148 4.29 -17.18 -27.14
N VAL A 149 3.31 -16.41 -27.60
CA VAL A 149 3.26 -14.94 -27.44
C VAL A 149 1.99 -14.56 -26.68
N SER A 150 2.14 -13.81 -25.59
CA SER A 150 1.06 -13.28 -24.76
C SER A 150 0.89 -11.79 -25.09
N LEU A 151 -0.33 -11.30 -25.11
CA LEU A 151 -0.63 -9.89 -25.40
C LEU A 151 -1.60 -9.48 -24.30
N ILE A 152 -1.39 -8.30 -23.76
CA ILE A 152 -2.30 -7.67 -22.79
C ILE A 152 -2.67 -6.32 -23.40
N LEU A 153 -3.95 -6.07 -23.60
CA LEU A 153 -4.45 -4.77 -24.13
C LEU A 153 -5.01 -4.06 -22.91
N THR A 154 -4.46 -2.87 -22.61
CA THR A 154 -5.08 -1.93 -21.65
C THR A 154 -5.68 -0.79 -22.46
N LYS A 155 -6.16 0.24 -21.80
CA LYS A 155 -6.74 1.40 -22.52
C LYS A 155 -5.64 2.09 -23.33
N ASN A 156 -4.36 1.97 -23.01
CA ASN A 156 -3.33 2.77 -23.74
C ASN A 156 -2.10 1.97 -24.10
N CYS A 157 -2.04 0.67 -23.80
CA CYS A 157 -0.83 -0.15 -24.10
C CYS A 157 -1.26 -1.47 -24.70
N VAL A 158 -0.43 -1.96 -25.59
CA VAL A 158 -0.33 -3.43 -25.79
C VAL A 158 0.99 -3.88 -25.18
N LEU A 159 0.91 -4.71 -24.15
CA LEU A 159 2.11 -5.42 -23.62
C LEU A 159 2.23 -6.76 -24.30
N MET A 160 3.35 -6.99 -24.94
CA MET A 160 3.62 -8.23 -25.68
C MET A 160 4.80 -8.97 -25.01
N PHE A 161 4.65 -10.28 -24.73
CA PHE A 161 5.62 -11.13 -24.02
C PHE A 161 5.99 -12.27 -24.94
N GLN A 162 7.27 -12.43 -25.20
CA GLN A 162 7.84 -13.40 -26.15
C GLN A 162 8.92 -14.19 -25.44
N GLU A 163 9.28 -15.32 -26.02
CA GLU A 163 10.25 -16.26 -25.42
C GLU A 163 11.66 -15.91 -25.92
N LYS A 164 11.79 -15.61 -27.21
CA LYS A 164 13.09 -15.54 -27.93
C LYS A 164 13.00 -14.41 -28.94
N ILE A 165 14.14 -13.86 -29.37
CA ILE A 165 14.18 -12.71 -30.32
C ILE A 165 13.70 -13.22 -31.67
N GLY A 166 13.03 -12.38 -32.44
CA GLY A 166 12.49 -12.79 -33.76
C GLY A 166 10.98 -12.94 -33.70
N ASP A 167 10.32 -12.29 -34.65
CA ASP A 167 8.83 -12.30 -34.68
C ASP A 167 8.37 -12.00 -36.11
N VAL A 168 7.06 -11.87 -36.30
CA VAL A 168 6.39 -11.64 -37.60
C VAL A 168 5.82 -10.22 -37.60
N PHE A 169 6.14 -9.40 -36.60
CA PHE A 169 5.53 -8.06 -36.43
C PHE A 169 6.35 -6.95 -37.12
N ASP A 170 7.40 -7.23 -37.87
CA ASP A 170 8.17 -6.12 -38.52
C ASP A 170 7.24 -5.22 -39.36
N PRO A 171 6.25 -5.73 -40.15
CA PRO A 171 5.42 -4.84 -40.97
C PRO A 171 4.64 -3.80 -40.13
N VAL A 172 4.17 -4.15 -38.92
CA VAL A 172 3.53 -3.17 -37.98
C VAL A 172 4.56 -2.12 -37.55
N ARG A 173 5.77 -2.53 -37.17
CA ARG A 173 6.89 -1.62 -36.84
C ARG A 173 7.08 -0.58 -37.96
N GLU A 174 7.04 -1.06 -39.18
CA GLU A 174 7.34 -0.26 -40.39
C GLU A 174 6.19 0.75 -40.62
N ARG A 175 4.96 0.37 -40.32
CA ARG A 175 3.80 1.27 -40.48
C ARG A 175 3.81 2.39 -39.43
N ILE A 176 4.22 2.08 -38.21
CA ILE A 176 4.40 3.09 -37.14
C ILE A 176 5.51 4.07 -37.56
N ARG A 177 6.68 3.54 -37.97
CA ARG A 177 7.92 4.31 -38.24
C ARG A 177 7.69 5.31 -39.39
N TYR A 178 7.02 4.90 -40.47
CA TYR A 178 6.89 5.67 -41.72
C TYR A 178 5.46 6.18 -41.90
N ASN A 179 4.63 6.02 -40.87
CA ASN A 179 3.24 6.58 -40.85
C ASN A 179 2.46 6.03 -42.05
N ARG A 180 2.38 4.71 -42.25
CA ARG A 180 1.65 4.10 -43.39
C ARG A 180 0.31 3.59 -42.85
N GLY A 181 -0.73 3.63 -43.64
CA GLY A 181 -2.10 3.28 -43.21
C GLY A 181 -2.62 4.27 -42.20
N ILE A 182 -3.39 3.78 -41.22
CA ILE A 182 -4.10 4.61 -40.23
C ILE A 182 -3.60 4.28 -38.81
N ILE A 183 -2.59 3.42 -38.61
CA ILE A 183 -2.23 2.96 -37.24
C ILE A 183 -1.91 4.16 -36.35
N ARG A 184 -1.14 5.13 -36.84
CA ARG A 184 -0.69 6.31 -36.05
C ARG A 184 -1.88 7.18 -35.61
N LYS A 185 -3.01 7.15 -36.34
CA LYS A 185 -4.23 7.92 -35.98
C LYS A 185 -5.18 7.14 -35.03
N LYS A 186 -4.89 5.88 -34.68
CA LYS A 186 -5.84 5.03 -33.89
C LYS A 186 -5.23 4.75 -32.51
N ARG A 187 -6.01 4.07 -31.66
CA ARG A 187 -5.69 3.76 -30.26
C ARG A 187 -5.11 2.34 -30.20
N ALA A 188 -4.83 1.91 -28.97
CA ALA A 188 -4.12 0.64 -28.70
C ALA A 188 -4.98 -0.54 -29.19
N ASP A 189 -6.33 -0.42 -29.26
CA ASP A 189 -7.19 -1.54 -29.74
C ASP A 189 -6.85 -1.83 -31.21
N TYR A 190 -6.55 -0.80 -31.98
CA TYR A 190 -6.23 -0.96 -33.42
C TYR A 190 -4.81 -1.54 -33.52
N LEU A 191 -3.95 -1.20 -32.53
CA LEU A 191 -2.59 -1.76 -32.45
C LEU A 191 -2.75 -3.29 -32.25
N LEU A 192 -3.68 -3.71 -31.40
CA LEU A 192 -3.88 -5.16 -31.13
C LEU A 192 -4.31 -5.83 -32.45
N TYR A 193 -5.34 -5.28 -33.09
CA TYR A 193 -5.81 -5.73 -34.42
C TYR A 193 -4.57 -5.86 -35.29
N SER A 194 -3.79 -4.78 -35.45
CA SER A 194 -2.64 -4.80 -36.40
C SER A 194 -1.70 -5.97 -36.10
N LEU A 195 -1.40 -6.25 -34.83
CA LEU A 195 -0.45 -7.33 -34.45
C LEU A 195 -1.08 -8.68 -34.81
N ILE A 196 -2.37 -8.87 -34.51
CA ILE A 196 -3.02 -10.18 -34.72
C ILE A 196 -3.14 -10.43 -36.25
N ASP A 197 -3.41 -9.37 -37.01
CA ASP A 197 -3.51 -9.40 -38.48
C ASP A 197 -2.14 -9.83 -39.05
N ALA A 198 -1.04 -9.34 -38.49
CA ALA A 198 0.31 -9.67 -39.02
C ALA A 198 0.54 -11.15 -38.76
N LEU A 199 0.15 -11.60 -37.58
CA LEU A 199 0.33 -13.01 -37.20
C LEU A 199 -0.49 -13.90 -38.13
N VAL A 200 -1.72 -13.53 -38.43
CA VAL A 200 -2.64 -14.39 -39.23
C VAL A 200 -2.14 -14.41 -40.67
N ASP A 201 -1.75 -13.27 -41.24
N ASP A 201 -1.74 -13.25 -41.20
CA ASP A 201 -1.22 -13.25 -42.64
CA ASP A 201 -1.17 -13.07 -42.56
C ASP A 201 0.02 -14.15 -42.69
C ASP A 201 0.03 -14.00 -42.72
N ASP A 202 0.92 -14.04 -41.71
CA ASP A 202 2.19 -14.82 -41.72
C ASP A 202 1.87 -16.32 -41.70
N TYR A 203 0.96 -16.73 -40.80
CA TYR A 203 0.47 -18.12 -40.67
C TYR A 203 0.07 -18.70 -42.05
N PHE A 204 -0.68 -17.96 -42.86
CA PHE A 204 -1.24 -18.48 -44.13
C PHE A 204 -0.14 -18.45 -45.18
N VAL A 205 0.74 -17.47 -45.17
CA VAL A 205 1.94 -17.48 -46.05
C VAL A 205 2.74 -18.74 -45.71
N LEU A 206 3.00 -18.94 -44.42
CA LEU A 206 3.90 -20.00 -43.94
C LEU A 206 3.38 -21.34 -44.46
N LEU A 207 2.11 -21.65 -44.29
CA LEU A 207 1.66 -23.02 -44.65
C LEU A 207 1.52 -23.16 -46.18
N GLU A 208 1.41 -22.07 -46.93
CA GLU A 208 1.57 -22.15 -48.40
C GLU A 208 3.04 -22.49 -48.71
N LYS A 209 3.99 -21.87 -48.01
CA LYS A 209 5.43 -22.08 -48.27
C LYS A 209 5.78 -23.54 -47.96
N ILE A 210 5.19 -24.10 -46.90
CA ILE A 210 5.45 -25.50 -46.46
C ILE A 210 4.85 -26.46 -47.49
N ASP A 211 3.60 -26.24 -47.96
CA ASP A 211 3.00 -27.05 -49.06
C ASP A 211 3.95 -27.09 -50.26
N ASP A 212 4.52 -25.96 -50.68
CA ASP A 212 5.38 -25.87 -51.89
C ASP A 212 6.67 -26.69 -51.69
N GLU A 213 7.31 -26.55 -50.53
CA GLU A 213 8.56 -27.26 -50.21
C GLU A 213 8.25 -28.77 -50.23
N ILE A 214 7.11 -29.18 -49.66
CA ILE A 214 6.65 -30.60 -49.61
C ILE A 214 6.42 -31.14 -51.04
N ASP A 215 5.83 -30.36 -51.95
CA ASP A 215 5.55 -30.81 -53.36
C ASP A 215 6.87 -31.08 -54.11
N VAL A 216 7.86 -30.20 -53.92
CA VAL A 216 9.23 -30.26 -54.51
C VAL A 216 9.95 -31.51 -53.99
N LEU A 217 9.99 -31.69 -52.67
CA LEU A 217 10.70 -32.83 -52.02
C LEU A 217 10.11 -34.13 -52.57
N GLU A 218 8.83 -34.14 -52.92
CA GLU A 218 8.13 -35.33 -53.47
C GLU A 218 8.46 -35.56 -54.96
N GLU A 219 8.66 -34.50 -55.75
CA GLU A 219 9.20 -34.66 -57.12
C GLU A 219 10.58 -35.32 -57.03
N GLU A 220 11.46 -34.85 -56.14
CA GLU A 220 12.79 -35.46 -55.88
C GLU A 220 12.70 -37.00 -55.98
N PRO A 225 15.42 -41.03 -54.21
CA PRO A 225 14.80 -41.44 -52.94
C PRO A 225 15.80 -41.64 -51.77
N GLU A 226 16.76 -40.72 -51.61
CA GLU A 226 17.80 -40.72 -50.54
C GLU A 226 17.20 -40.65 -49.13
N LYS A 227 17.87 -41.30 -48.17
CA LYS A 227 17.37 -41.47 -46.76
C LYS A 227 17.10 -40.09 -46.14
N GLU A 228 17.96 -39.10 -46.38
CA GLU A 228 17.87 -37.74 -45.79
C GLU A 228 16.62 -37.02 -46.31
N THR A 229 16.40 -37.06 -47.63
CA THR A 229 15.24 -36.43 -48.32
C THR A 229 13.95 -37.05 -47.77
N VAL A 230 13.92 -38.37 -47.60
CA VAL A 230 12.66 -39.05 -47.19
C VAL A 230 12.32 -38.62 -45.75
N GLN A 231 13.30 -38.67 -44.86
CA GLN A 231 13.09 -38.38 -43.41
C GLN A 231 12.71 -36.89 -43.26
N ARG A 232 13.37 -36.00 -44.01
CA ARG A 232 13.08 -34.53 -44.11
C ARG A 232 11.62 -34.32 -44.55
N THR A 233 11.21 -34.92 -45.68
CA THR A 233 9.83 -34.83 -46.24
C THR A 233 8.79 -35.19 -45.18
N HIS A 234 9.04 -36.27 -44.44
CA HIS A 234 8.11 -36.81 -43.40
C HIS A 234 8.07 -35.82 -42.23
N GLN A 235 9.21 -35.17 -41.98
CA GLN A 235 9.36 -34.10 -40.95
C GLN A 235 8.46 -32.91 -41.33
N LEU A 236 8.56 -32.42 -42.57
CA LEU A 236 7.79 -31.26 -43.08
C LEU A 236 6.29 -31.56 -43.06
N LYS A 237 5.89 -32.79 -43.40
CA LYS A 237 4.47 -33.21 -43.32
C LYS A 237 3.96 -33.19 -41.89
N ARG A 238 4.78 -33.62 -40.91
CA ARG A 238 4.36 -33.61 -39.47
C ARG A 238 4.23 -32.14 -39.01
N ASN A 239 5.11 -31.26 -39.49
CA ASN A 239 5.12 -29.79 -39.23
C ASN A 239 3.85 -29.12 -39.77
N LEU A 240 3.51 -29.40 -41.01
CA LEU A 240 2.26 -28.94 -41.63
C LEU A 240 1.07 -29.42 -40.76
N VAL A 241 1.05 -30.69 -40.38
CA VAL A 241 -0.01 -31.23 -39.48
C VAL A 241 -0.12 -30.34 -38.23
N GLU A 242 0.97 -30.04 -37.52
CA GLU A 242 0.90 -29.20 -36.28
C GLU A 242 0.43 -27.77 -36.60
N LEU A 243 0.86 -27.18 -37.72
CA LEU A 243 0.41 -25.83 -38.15
C LEU A 243 -1.12 -25.79 -38.18
N ARG A 244 -1.74 -26.71 -38.93
CA ARG A 244 -3.21 -26.75 -39.19
C ARG A 244 -4.01 -27.05 -37.89
N LYS A 245 -3.48 -27.79 -36.91
CA LYS A 245 -4.11 -27.94 -35.56
C LYS A 245 -4.37 -26.57 -34.89
N THR A 246 -3.53 -25.56 -35.15
CA THR A 246 -3.57 -24.34 -34.33
C THR A 246 -4.70 -23.43 -34.84
N ILE A 247 -5.25 -23.63 -36.05
CA ILE A 247 -6.37 -22.83 -36.61
C ILE A 247 -7.55 -22.87 -35.65
N TRP A 248 -7.82 -24.00 -34.97
CA TRP A 248 -9.08 -24.16 -34.20
C TRP A 248 -9.08 -23.23 -33.01
N PRO A 249 -8.08 -23.26 -32.11
CA PRO A 249 -8.07 -22.31 -31.00
C PRO A 249 -7.89 -20.87 -31.49
N LEU A 250 -7.16 -20.64 -32.57
CA LEU A 250 -7.03 -19.27 -33.09
C LEU A 250 -8.41 -18.72 -33.48
N ARG A 251 -9.22 -19.52 -34.19
CA ARG A 251 -10.58 -19.11 -34.62
C ARG A 251 -11.42 -18.81 -33.37
N GLU A 252 -11.28 -19.59 -32.30
CA GLU A 252 -12.01 -19.28 -31.04
C GLU A 252 -11.60 -17.86 -30.53
N VAL A 253 -10.31 -17.56 -30.51
CA VAL A 253 -9.81 -16.23 -30.07
C VAL A 253 -10.38 -15.18 -31.01
N LEU A 254 -10.23 -15.34 -32.32
CA LEU A 254 -10.66 -14.27 -33.27
C LEU A 254 -12.16 -14.06 -33.15
N SER A 255 -12.91 -15.12 -32.89
CA SER A 255 -14.39 -15.04 -32.77
C SER A 255 -14.77 -14.13 -31.58
N SER A 256 -14.18 -14.37 -30.42
CA SER A 256 -14.41 -13.59 -29.18
C SER A 256 -14.02 -12.12 -29.38
N LEU A 257 -13.04 -11.81 -30.23
CA LEU A 257 -12.64 -10.41 -30.40
C LEU A 257 -13.58 -9.61 -31.32
N TYR A 258 -14.51 -10.23 -32.03
CA TYR A 258 -15.41 -9.40 -32.87
C TYR A 258 -16.87 -9.63 -32.47
N ARG A 259 -17.22 -10.70 -31.77
CA ARG A 259 -18.61 -11.00 -31.35
C ARG A 259 -18.72 -10.56 -29.88
N ASP A 260 -19.66 -9.65 -29.60
CA ASP A 260 -19.91 -9.03 -28.26
C ASP A 260 -18.55 -8.72 -27.62
N VAL A 261 -17.83 -7.77 -28.19
CA VAL A 261 -16.48 -7.39 -27.76
C VAL A 261 -16.63 -6.65 -26.46
N PRO A 262 -15.66 -6.63 -25.55
CA PRO A 262 -15.77 -5.83 -24.35
C PRO A 262 -15.39 -4.40 -24.68
N PRO A 263 -15.61 -3.47 -23.72
CA PRO A 263 -15.42 -2.04 -23.96
C PRO A 263 -14.02 -1.57 -24.39
N LEU A 264 -12.93 -2.31 -24.11
CA LEU A 264 -11.54 -1.92 -24.48
C LEU A 264 -11.36 -2.03 -25.99
N ILE A 265 -12.25 -2.68 -26.70
CA ILE A 265 -12.19 -2.63 -28.18
C ILE A 265 -13.36 -1.73 -28.64
N GLU A 266 -13.06 -0.62 -29.30
CA GLU A 266 -14.10 0.37 -29.72
C GLU A 266 -14.94 -0.19 -30.88
N LYS A 267 -16.19 0.25 -30.95
CA LYS A 267 -17.15 -0.18 -32.00
C LYS A 267 -16.50 -0.04 -33.36
N GLU A 268 -15.81 1.05 -33.61
CA GLU A 268 -15.19 1.37 -34.92
C GLU A 268 -14.06 0.37 -35.26
N THR A 269 -13.48 -0.33 -34.30
CA THR A 269 -12.36 -1.29 -34.57
C THR A 269 -12.92 -2.70 -34.83
N VAL A 270 -14.13 -3.00 -34.36
CA VAL A 270 -14.72 -4.37 -34.52
C VAL A 270 -14.67 -4.85 -35.98
N PRO A 271 -15.01 -4.04 -36.99
CA PRO A 271 -14.97 -4.51 -38.37
C PRO A 271 -13.59 -5.01 -38.82
N TYR A 272 -12.52 -4.50 -38.20
CA TYR A 272 -11.14 -4.93 -38.55
C TYR A 272 -10.93 -6.35 -38.00
N PHE A 273 -11.33 -6.58 -36.77
CA PHE A 273 -11.25 -7.93 -36.15
C PHE A 273 -12.13 -8.89 -36.96
N ARG A 274 -13.24 -8.40 -37.52
CA ARG A 274 -14.17 -9.29 -38.26
C ARG A 274 -13.45 -9.72 -39.54
N ASP A 275 -12.69 -8.81 -40.18
CA ASP A 275 -11.92 -9.13 -41.41
C ASP A 275 -10.86 -10.20 -41.12
N VAL A 276 -10.15 -10.16 -39.99
CA VAL A 276 -9.11 -11.18 -39.63
C VAL A 276 -9.82 -12.53 -39.47
N TYR A 277 -10.95 -12.53 -38.77
CA TYR A 277 -11.73 -13.76 -38.51
C TYR A 277 -12.14 -14.35 -39.86
N ASP A 278 -12.76 -13.50 -40.68
CA ASP A 278 -13.29 -13.87 -42.01
C ASP A 278 -12.19 -14.47 -42.87
N HIS A 279 -10.97 -13.96 -42.75
CA HIS A 279 -9.82 -14.44 -43.57
C HIS A 279 -9.51 -15.90 -43.19
N THR A 280 -9.91 -16.40 -42.02
CA THR A 280 -9.57 -17.77 -41.56
C THR A 280 -10.55 -18.83 -42.09
N ILE A 281 -11.67 -18.43 -42.69
CA ILE A 281 -12.86 -19.28 -42.97
C ILE A 281 -13.14 -19.35 -44.47
N GLN A 282 -12.19 -18.89 -45.30
CA GLN A 282 -12.42 -18.63 -46.75
C GLN A 282 -12.57 -19.94 -47.52
N ILE A 283 -11.58 -20.84 -47.49
CA ILE A 283 -11.70 -22.22 -48.05
C ILE A 283 -12.45 -23.13 -47.07
N ALA A 284 -13.77 -23.09 -47.07
CA ALA A 284 -14.61 -23.88 -46.15
C ALA A 284 -14.62 -25.36 -46.58
N ASP A 285 -14.83 -26.27 -45.63
CA ASP A 285 -15.04 -27.71 -45.87
C ASP A 285 -16.37 -27.93 -46.66
N THR A 286 -16.53 -29.04 -47.39
CA THR A 286 -17.84 -29.42 -47.97
C THR A 286 -18.21 -30.85 -47.57
N VAL A 287 -19.47 -31.12 -47.26
CA VAL A 287 -20.04 -32.48 -47.26
C VAL A 287 -20.80 -32.64 -48.57
N GLU A 288 -20.39 -33.60 -49.40
CA GLU A 288 -21.11 -34.05 -50.63
C GLU A 288 -20.95 -35.57 -50.80
N GLU B 4 -4.46 -22.05 13.84
CA GLU B 4 -3.45 -22.93 13.22
C GLU B 4 -2.38 -22.02 12.60
N VAL B 5 -2.76 -21.09 11.74
CA VAL B 5 -1.84 -20.10 11.10
C VAL B 5 -1.47 -19.03 12.12
N GLN B 6 -0.17 -18.74 12.27
CA GLN B 6 0.37 -17.69 13.17
C GLN B 6 1.62 -17.06 12.54
N LEU B 7 1.73 -15.74 12.67
CA LEU B 7 2.94 -14.95 12.35
C LEU B 7 3.33 -14.32 13.69
N VAL B 8 4.59 -14.45 14.07
CA VAL B 8 5.10 -13.78 15.29
C VAL B 8 6.39 -13.01 14.94
N GLU B 9 6.36 -11.67 15.04
CA GLU B 9 7.53 -10.81 14.75
C GLU B 9 8.41 -10.74 16.01
N SER B 10 9.71 -10.59 15.85
CA SER B 10 10.66 -10.35 16.96
C SER B 10 11.85 -9.59 16.38
N GLY B 11 12.73 -9.10 17.23
CA GLY B 11 14.00 -8.47 16.80
C GLY B 11 13.95 -6.96 16.93
N GLY B 12 12.79 -6.39 17.29
CA GLY B 12 12.69 -4.93 17.47
C GLY B 12 13.49 -4.45 18.69
N GLY B 13 14.14 -3.30 18.59
CA GLY B 13 14.76 -2.59 19.72
C GLY B 13 15.36 -1.25 19.32
N LEU B 14 16.34 -0.80 20.08
CA LEU B 14 17.10 0.44 19.85
C LEU B 14 18.11 0.18 18.72
N VAL B 15 18.30 1.18 17.89
CA VAL B 15 19.27 1.15 16.78
C VAL B 15 19.63 2.60 16.48
N GLN B 16 20.91 2.81 16.17
CA GLN B 16 21.50 4.09 15.71
C GLN B 16 21.66 4.11 14.20
N PRO B 17 21.53 5.30 13.57
CA PRO B 17 22.03 5.52 12.22
C PRO B 17 23.53 5.11 12.18
N GLY B 18 23.96 4.43 11.14
CA GLY B 18 25.26 3.75 11.15
C GLY B 18 25.11 2.28 11.50
N GLY B 19 24.09 1.98 12.28
CA GLY B 19 23.85 0.62 12.77
C GLY B 19 22.95 -0.16 11.84
N SER B 20 22.66 -1.40 12.21
CA SER B 20 21.71 -2.25 11.47
C SER B 20 20.87 -3.05 12.47
N LEU B 21 19.69 -3.48 12.03
CA LEU B 21 18.74 -4.27 12.86
C LEU B 21 18.06 -5.25 11.92
N ARG B 22 17.93 -6.51 12.36
CA ARG B 22 17.20 -7.54 11.63
C ARG B 22 15.93 -7.92 12.38
N LEU B 23 14.78 -7.73 11.74
CA LEU B 23 13.48 -8.19 12.28
C LEU B 23 13.22 -9.56 11.67
N SER B 24 12.56 -10.43 12.42
CA SER B 24 12.17 -11.75 11.93
C SER B 24 10.67 -11.91 12.16
N CYS B 25 10.08 -12.65 11.24
CA CYS B 25 8.70 -13.10 11.29
C CYS B 25 8.69 -14.62 11.10
N ALA B 26 8.47 -15.34 12.18
CA ALA B 26 8.34 -16.81 12.28
C ALA B 26 6.90 -17.19 11.96
N ALA B 27 6.73 -18.00 10.93
CA ALA B 27 5.44 -18.48 10.45
C ALA B 27 5.25 -19.91 10.94
N SER B 28 4.07 -20.23 11.46
CA SER B 28 3.63 -21.61 11.77
C SER B 28 2.26 -21.90 11.13
N GLY B 29 2.04 -23.18 10.81
CA GLY B 29 0.79 -23.73 10.28
C GLY B 29 0.76 -23.65 8.77
N PHE B 30 1.79 -23.12 8.15
CA PHE B 30 1.84 -23.03 6.68
C PHE B 30 3.30 -22.91 6.27
N ASN B 31 3.61 -23.17 5.01
CA ASN B 31 5.01 -23.10 4.49
C ASN B 31 5.12 -21.79 3.70
N ILE B 32 6.07 -20.97 4.12
CA ILE B 32 6.42 -19.64 3.52
C ILE B 32 6.83 -19.79 2.06
N TYR B 33 7.37 -20.94 1.68
CA TYR B 33 7.91 -21.24 0.32
C TYR B 33 6.92 -20.80 -0.79
N TYR B 34 5.64 -21.08 -0.62
CA TYR B 34 4.59 -20.89 -1.67
C TYR B 34 3.74 -19.66 -1.33
N SER B 35 4.21 -18.74 -0.46
CA SER B 35 3.43 -17.59 0.08
C SER B 35 4.06 -16.25 -0.35
N SER B 36 3.29 -15.19 -0.17
CA SER B 36 3.74 -13.78 -0.30
C SER B 36 3.61 -13.18 1.09
N ILE B 37 4.74 -12.69 1.59
CA ILE B 37 4.88 -12.17 2.98
C ILE B 37 5.17 -10.67 2.89
N HIS B 38 4.56 -9.89 3.77
CA HIS B 38 4.68 -8.40 3.69
C HIS B 38 5.16 -7.83 5.02
N TRP B 39 5.89 -6.70 4.95
CA TRP B 39 6.10 -5.85 6.16
C TRP B 39 5.31 -4.55 6.00
N VAL B 40 4.55 -4.21 7.00
CA VAL B 40 3.74 -2.96 7.11
C VAL B 40 4.13 -2.29 8.42
N ARG B 41 4.33 -0.98 8.43
CA ARG B 41 4.78 -0.27 9.63
C ARG B 41 3.79 0.84 9.98
N GLN B 42 3.85 1.27 11.22
CA GLN B 42 2.97 2.32 11.73
C GLN B 42 3.80 3.17 12.68
N ALA B 43 4.09 4.41 12.30
CA ALA B 43 4.80 5.40 13.15
C ALA B 43 3.87 5.87 14.25
N PRO B 44 4.41 6.24 15.43
CA PRO B 44 3.58 6.64 16.55
C PRO B 44 2.53 7.67 16.12
N GLY B 45 1.27 7.35 16.42
CA GLY B 45 0.11 8.19 16.13
C GLY B 45 -0.19 8.27 14.65
N LYS B 46 0.41 7.45 13.78
CA LYS B 46 0.10 7.54 12.33
C LYS B 46 -0.58 6.27 11.77
N GLY B 47 -0.87 6.28 10.48
CA GLY B 47 -1.49 5.20 9.70
C GLY B 47 -0.55 4.10 9.29
N LEU B 48 -1.08 3.19 8.50
CA LEU B 48 -0.41 1.99 8.03
C LEU B 48 0.30 2.37 6.76
N GLU B 49 1.52 1.90 6.62
CA GLU B 49 2.35 2.16 5.43
C GLU B 49 2.96 0.83 5.04
N TRP B 50 2.74 0.41 3.80
CA TRP B 50 3.39 -0.80 3.26
C TRP B 50 4.89 -0.51 3.08
N VAL B 51 5.76 -1.47 3.42
CA VAL B 51 7.25 -1.33 3.36
C VAL B 51 7.82 -2.20 2.25
N ALA B 52 7.52 -3.48 2.31
CA ALA B 52 8.20 -4.46 1.44
C ALA B 52 7.37 -5.74 1.34
N SER B 53 7.58 -6.44 0.23
CA SER B 53 6.99 -7.79 0.10
C SER B 53 7.98 -8.74 -0.57
N ILE B 54 7.82 -10.01 -0.25
CA ILE B 54 8.61 -11.07 -0.90
C ILE B 54 7.68 -12.18 -1.40
N TYR B 55 7.78 -12.49 -2.69
CA TYR B 55 7.23 -13.74 -3.30
C TYR B 55 8.31 -14.84 -3.12
N SER B 56 8.13 -15.72 -2.15
CA SER B 56 9.23 -16.54 -1.58
C SER B 56 9.69 -17.61 -2.59
N TYR B 57 8.82 -18.09 -3.47
CA TYR B 57 9.16 -19.17 -4.42
C TYR B 57 10.29 -18.73 -5.37
N SER B 58 10.20 -17.52 -5.92
CA SER B 58 11.23 -16.95 -6.83
C SER B 58 12.20 -16.02 -6.12
N GLY B 59 11.96 -15.63 -4.86
CA GLY B 59 12.75 -14.59 -4.19
C GLY B 59 12.48 -13.18 -4.72
N TYR B 60 11.45 -12.98 -5.54
CA TYR B 60 11.08 -11.64 -6.06
C TYR B 60 10.72 -10.72 -4.89
N THR B 61 11.37 -9.56 -4.83
CA THR B 61 11.14 -8.58 -3.73
C THR B 61 10.61 -7.26 -4.32
N SER B 62 9.81 -6.57 -3.53
CA SER B 62 9.15 -5.27 -3.83
C SER B 62 9.31 -4.35 -2.59
N TYR B 63 9.58 -3.04 -2.78
CA TYR B 63 9.86 -2.07 -1.68
C TYR B 63 9.14 -0.77 -1.92
N ALA B 64 8.65 -0.12 -0.86
CA ALA B 64 8.17 1.27 -0.92
C ALA B 64 9.36 2.14 -1.35
N ASP B 65 9.15 3.25 -2.05
CA ASP B 65 10.29 4.14 -2.40
C ASP B 65 11.00 4.66 -1.13
N SER B 66 10.33 4.80 0.01
CA SER B 66 10.92 5.39 1.26
C SER B 66 11.97 4.49 1.91
N VAL B 67 11.94 3.17 1.65
CA VAL B 67 12.92 2.20 2.19
C VAL B 67 13.82 1.62 1.08
N LYS B 68 13.51 1.85 -0.18
CA LYS B 68 14.17 1.15 -1.30
C LYS B 68 15.64 1.50 -1.22
N GLY B 69 16.51 0.52 -1.29
CA GLY B 69 17.97 0.74 -1.19
C GLY B 69 18.43 0.82 0.25
N ARG B 70 17.56 0.75 1.26
CA ARG B 70 17.99 0.77 2.68
C ARG B 70 17.65 -0.54 3.40
N PHE B 71 16.44 -1.04 3.17
CA PHE B 71 15.91 -2.28 3.78
C PHE B 71 15.98 -3.39 2.73
N THR B 72 16.26 -4.63 3.16
CA THR B 72 16.22 -5.86 2.32
C THR B 72 15.22 -6.80 2.97
N ILE B 73 14.26 -7.26 2.20
CA ILE B 73 13.38 -8.32 2.74
C ILE B 73 13.94 -9.67 2.25
N SER B 74 13.86 -10.71 3.08
CA SER B 74 14.24 -12.08 2.67
C SER B 74 13.36 -13.11 3.39
N ALA B 75 13.50 -14.37 2.96
CA ALA B 75 12.79 -15.54 3.54
C ALA B 75 13.76 -16.72 3.65
N ASP B 76 13.83 -17.32 4.81
CA ASP B 76 14.60 -18.58 5.03
C ASP B 76 13.57 -19.72 4.96
N THR B 77 13.53 -20.44 3.86
CA THR B 77 12.50 -21.49 3.68
C THR B 77 12.86 -22.78 4.39
N SER B 78 13.97 -22.85 5.12
CA SER B 78 14.19 -24.01 6.01
C SER B 78 13.75 -23.63 7.44
N LYS B 79 13.88 -22.37 7.87
CA LYS B 79 13.37 -21.94 9.22
C LYS B 79 11.92 -21.47 9.13
N ASN B 80 11.36 -21.38 7.92
CA ASN B 80 9.99 -20.89 7.73
C ASN B 80 9.84 -19.46 8.32
N THR B 81 10.77 -18.56 8.04
CA THR B 81 10.89 -17.26 8.73
C THR B 81 11.19 -16.23 7.66
N ALA B 82 10.54 -15.06 7.70
CA ALA B 82 10.93 -13.91 6.85
C ALA B 82 11.68 -12.89 7.70
N TYR B 83 12.49 -12.11 7.03
CA TYR B 83 13.36 -11.13 7.70
C TYR B 83 13.19 -9.79 7.04
N LEU B 84 13.37 -8.75 7.84
CA LEU B 84 13.58 -7.41 7.28
C LEU B 84 14.89 -6.89 7.82
N GLN B 85 15.89 -6.75 6.94
CA GLN B 85 17.22 -6.23 7.35
C GLN B 85 17.19 -4.71 7.15
N MET B 86 17.34 -3.96 8.22
CA MET B 86 17.22 -2.47 8.21
C MET B 86 18.63 -1.90 8.29
N ASN B 87 19.02 -1.19 7.25
CA ASN B 87 20.28 -0.41 7.14
C ASN B 87 19.98 1.06 6.81
N SER B 88 20.97 1.89 6.96
CA SER B 88 20.89 3.34 6.73
C SER B 88 19.62 3.83 7.44
N LEU B 89 19.56 3.61 8.73
CA LEU B 89 18.42 3.98 9.58
C LEU B 89 18.27 5.50 9.58
N ARG B 90 17.03 5.98 9.68
CA ARG B 90 16.68 7.42 9.79
C ARG B 90 15.59 7.56 10.86
N ALA B 91 15.39 8.74 11.43
CA ALA B 91 14.45 8.94 12.56
C ALA B 91 13.03 8.50 12.19
N GLU B 92 12.64 8.73 10.94
CA GLU B 92 11.30 8.37 10.42
C GLU B 92 11.14 6.86 10.28
N ASP B 93 12.15 6.03 10.57
CA ASP B 93 11.99 4.56 10.53
C ASP B 93 11.42 4.10 11.86
N THR B 94 11.38 4.97 12.88
CA THR B 94 10.87 4.62 14.23
C THR B 94 9.38 4.26 14.09
N ALA B 95 8.99 3.03 14.45
CA ALA B 95 7.62 2.54 14.19
C ALA B 95 7.43 1.15 14.75
N VAL B 96 6.16 0.76 14.88
CA VAL B 96 5.79 -0.65 15.06
C VAL B 96 5.82 -1.29 13.66
N TYR B 97 6.57 -2.39 13.51
CA TYR B 97 6.65 -3.16 12.27
C TYR B 97 5.81 -4.44 12.39
N TYR B 98 4.93 -4.67 11.42
CA TYR B 98 4.03 -5.84 11.42
C TYR B 98 4.39 -6.67 10.20
N CYS B 99 4.32 -7.98 10.35
CA CYS B 99 4.46 -8.96 9.29
C CYS B 99 3.05 -9.40 8.93
N ALA B 100 2.75 -9.65 7.67
CA ALA B 100 1.42 -10.14 7.25
C ALA B 100 1.53 -11.01 6.02
N ARG B 101 0.65 -11.98 5.95
CA ARG B 101 0.50 -12.90 4.79
C ARG B 101 -0.66 -12.40 3.92
N SER B 102 -0.52 -12.46 2.63
CA SER B 102 -1.70 -12.18 1.74
C SER B 102 -2.25 -13.47 1.16
N PHE B 103 -3.53 -13.41 0.74
CA PHE B 103 -4.27 -14.48 0.07
C PHE B 103 -5.09 -13.88 -1.07
N TYR B 104 -5.46 -14.71 -2.03
CA TYR B 104 -6.53 -14.34 -2.99
C TYR B 104 -7.36 -15.56 -3.33
N VAL B 105 -8.61 -15.25 -3.66
CA VAL B 105 -9.68 -16.22 -3.98
C VAL B 105 -9.86 -16.20 -5.49
N PHE B 106 -10.11 -17.34 -6.10
CA PHE B 106 -10.17 -17.39 -7.59
C PHE B 106 -10.96 -18.60 -8.02
N LYS B 107 -11.50 -18.53 -9.23
CA LYS B 107 -11.85 -19.73 -10.02
C LYS B 107 -11.35 -19.49 -11.42
N ARG B 108 -10.57 -20.42 -11.93
CA ARG B 108 -10.12 -20.40 -13.32
C ARG B 108 -11.27 -20.75 -14.28
N GLY B 109 -11.11 -20.35 -15.52
CA GLY B 109 -11.92 -20.85 -16.66
C GLY B 109 -12.94 -19.83 -17.09
N THR B 110 -13.46 -20.06 -18.28
CA THR B 110 -14.38 -19.19 -19.05
C THR B 110 -13.59 -18.01 -19.60
N LYS B 111 -14.29 -17.23 -20.39
CA LYS B 111 -13.78 -16.01 -21.06
C LYS B 111 -13.66 -14.92 -19.99
N TYR B 112 -14.33 -15.07 -18.87
CA TYR B 112 -14.45 -14.06 -17.79
C TYR B 112 -14.03 -14.71 -16.48
N PRO B 113 -12.72 -14.97 -16.29
CA PRO B 113 -12.25 -15.61 -15.06
C PRO B 113 -12.52 -14.74 -13.84
N TYR B 114 -12.86 -15.43 -12.75
CA TYR B 114 -13.15 -14.86 -11.42
C TYR B 114 -11.84 -14.75 -10.61
N TYR B 115 -11.08 -13.66 -10.80
CA TYR B 115 -9.76 -13.45 -10.16
C TYR B 115 -9.85 -12.24 -9.22
N ASN B 116 -9.84 -12.47 -7.92
CA ASN B 116 -9.78 -11.44 -6.86
C ASN B 116 -8.32 -11.13 -6.54
N TYR B 117 -8.07 -9.89 -6.19
CA TYR B 117 -6.73 -9.37 -5.87
C TYR B 117 -6.51 -9.59 -4.37
N PRO B 118 -5.24 -9.66 -3.96
CA PRO B 118 -4.90 -10.11 -2.62
C PRO B 118 -5.28 -9.15 -1.50
N ALA B 119 -5.51 -9.74 -0.31
CA ALA B 119 -5.70 -9.00 0.94
C ALA B 119 -4.87 -9.68 2.03
N MET B 120 -4.70 -9.04 3.19
CA MET B 120 -3.82 -9.53 4.26
C MET B 120 -4.67 -10.16 5.35
N ASP B 121 -4.71 -11.50 5.38
CA ASP B 121 -5.55 -12.29 6.32
C ASP B 121 -4.86 -12.42 7.68
N TYR B 122 -3.56 -12.70 7.75
CA TYR B 122 -2.88 -13.06 9.02
C TYR B 122 -1.80 -12.03 9.29
N TRP B 123 -1.77 -11.50 10.51
CA TRP B 123 -0.85 -10.43 10.95
C TRP B 123 -0.23 -10.90 12.26
N GLY B 124 1.02 -10.58 12.51
CA GLY B 124 1.61 -10.70 13.87
C GLY B 124 1.24 -9.48 14.70
N GLN B 125 1.68 -9.42 15.94
CA GLN B 125 1.28 -8.35 16.87
C GLN B 125 2.27 -7.19 16.80
N GLY B 126 3.32 -7.27 16.00
CA GLY B 126 4.23 -6.14 15.69
C GLY B 126 5.44 -6.11 16.61
N THR B 127 6.53 -5.47 16.18
CA THR B 127 7.78 -5.29 16.97
C THR B 127 8.17 -3.81 16.82
N LEU B 128 8.54 -3.17 17.93
CA LEU B 128 8.87 -1.74 17.98
C LEU B 128 10.33 -1.54 17.60
N VAL B 129 10.59 -0.69 16.62
CA VAL B 129 11.96 -0.22 16.27
C VAL B 129 12.08 1.25 16.68
N THR B 130 13.05 1.55 17.53
CA THR B 130 13.34 2.92 18.00
C THR B 130 14.72 3.39 17.52
N VAL B 131 14.74 4.36 16.62
CA VAL B 131 15.98 4.91 16.06
C VAL B 131 16.46 6.04 16.98
N PHE B 132 17.75 6.05 17.35
CA PHE B 132 18.26 7.14 18.22
C PHE B 132 19.69 7.53 17.85
N ASN B 133 20.04 8.78 18.14
CA ASN B 133 21.44 9.28 18.15
C ASN B 133 22.05 9.13 19.57
N GLN B 134 21.42 9.72 20.58
CA GLN B 134 21.88 9.67 21.98
C GLN B 134 20.70 9.28 22.86
N ILE B 135 20.98 8.58 23.92
CA ILE B 135 19.97 8.32 24.98
C ILE B 135 20.19 9.42 26.01
N LYS B 136 19.11 10.06 26.44
CA LYS B 136 19.13 11.15 27.42
C LYS B 136 17.87 11.01 28.30
N GLY B 137 18.08 10.97 29.60
CA GLY B 137 17.02 10.90 30.62
C GLY B 137 16.40 12.28 30.85
N PRO B 138 15.17 12.33 31.36
CA PRO B 138 14.46 13.60 31.48
C PRO B 138 14.83 14.35 32.77
N SER B 139 14.61 15.65 32.73
CA SER B 139 14.47 16.54 33.90
C SER B 139 12.99 16.61 34.22
N VAL B 140 12.63 16.54 35.49
CA VAL B 140 11.21 16.55 35.93
C VAL B 140 10.91 17.80 36.78
N PHE B 141 9.88 18.58 36.45
CA PHE B 141 9.55 19.83 37.17
C PHE B 141 8.10 19.75 37.65
N PRO B 142 7.78 20.36 38.81
CA PRO B 142 6.42 20.37 39.31
C PRO B 142 5.61 21.39 38.52
N LEU B 143 4.35 21.07 38.30
CA LEU B 143 3.28 22.02 37.94
C LEU B 143 2.42 22.20 39.18
N ALA B 144 2.76 23.21 39.97
CA ALA B 144 2.28 23.26 41.37
C ALA B 144 0.82 23.70 41.32
N PRO B 145 -0.06 23.19 42.20
CA PRO B 145 -1.43 23.73 42.29
C PRO B 145 -1.47 25.08 43.00
N SER B 146 -2.32 25.99 42.53
CA SER B 146 -2.86 27.14 43.34
C SER B 146 -4.33 27.36 42.97
N THR B 154 -11.15 20.04 40.81
CA THR B 154 -11.31 21.41 41.35
C THR B 154 -9.92 22.04 41.56
N ALA B 155 -8.89 21.24 41.91
CA ALA B 155 -7.46 21.62 41.81
C ALA B 155 -6.76 20.80 40.73
N ALA B 156 -5.88 21.43 39.96
CA ALA B 156 -4.97 20.71 39.02
C ALA B 156 -3.51 20.85 39.47
N LEU B 157 -2.77 19.77 39.38
CA LEU B 157 -1.31 19.73 39.65
C LEU B 157 -0.71 18.71 38.69
N GLY B 158 0.60 18.75 38.53
CA GLY B 158 1.21 17.96 37.45
C GLY B 158 2.69 17.88 37.61
N CYS B 159 3.30 17.22 36.62
CA CYS B 159 4.76 17.14 36.34
C CYS B 159 5.02 17.44 34.87
N LEU B 160 5.98 18.30 34.61
CA LEU B 160 6.53 18.58 33.29
C LEU B 160 7.80 17.71 33.15
N VAL B 161 7.82 16.85 32.14
CA VAL B 161 8.89 15.86 31.93
C VAL B 161 9.62 16.27 30.67
N LYS B 162 10.78 16.90 30.85
CA LYS B 162 11.39 17.65 29.74
C LYS B 162 12.69 16.96 29.29
N ASP B 163 12.98 17.00 28.00
CA ASP B 163 14.33 16.92 27.37
C ASP B 163 14.91 15.53 27.34
N TYR B 164 14.11 14.55 26.90
CA TYR B 164 14.51 13.12 26.88
C TYR B 164 14.49 12.63 25.45
N PHE B 165 15.18 11.49 25.24
CA PHE B 165 15.32 10.80 23.94
C PHE B 165 15.79 9.39 24.21
N PRO B 166 15.26 8.36 23.50
CA PRO B 166 14.04 8.47 22.71
C PRO B 166 12.77 8.35 23.58
N GLU B 167 11.62 8.24 22.95
CA GLU B 167 10.40 7.72 23.62
C GLU B 167 10.60 6.21 23.95
N PRO B 168 9.78 5.64 24.86
CA PRO B 168 8.79 6.43 25.63
C PRO B 168 9.19 6.77 27.08
N VAL B 169 8.41 7.63 27.70
CA VAL B 169 8.40 7.86 29.17
C VAL B 169 7.03 7.43 29.69
N THR B 170 6.96 6.74 30.83
CA THR B 170 5.68 6.49 31.55
C THR B 170 5.63 7.34 32.82
N VAL B 171 4.44 7.83 33.18
CA VAL B 171 4.21 8.57 34.43
C VAL B 171 3.14 7.86 35.24
N SER B 172 3.39 7.60 36.52
CA SER B 172 2.32 7.17 37.46
C SER B 172 2.29 8.14 38.66
N TRP B 173 1.27 8.03 39.51
CA TRP B 173 0.94 8.99 40.59
C TRP B 173 0.77 8.17 41.88
N ASN B 174 1.45 8.56 42.94
CA ASN B 174 1.42 7.85 44.25
C ASN B 174 1.59 6.35 43.99
N SER B 175 2.62 6.00 43.21
CA SER B 175 3.02 4.64 42.80
C SER B 175 1.83 3.81 42.30
N GLY B 176 0.85 4.40 41.63
CA GLY B 176 -0.25 3.70 40.97
C GLY B 176 -1.53 3.69 41.80
N ALA B 177 -1.48 4.22 43.03
CA ALA B 177 -2.67 4.40 43.90
C ALA B 177 -3.58 5.49 43.32
N LEU B 178 -3.09 6.44 42.50
CA LEU B 178 -3.94 7.54 41.94
C LEU B 178 -3.98 7.44 40.41
N THR B 179 -5.10 6.98 39.84
CA THR B 179 -5.23 6.77 38.37
C THR B 179 -6.38 7.59 37.82
N SER B 180 -7.34 7.99 38.66
CA SER B 180 -8.55 8.72 38.24
C SER B 180 -8.24 10.22 38.15
N GLY B 181 -8.73 10.82 37.06
CA GLY B 181 -8.45 12.22 36.74
C GLY B 181 -7.05 12.39 36.21
N VAL B 182 -6.27 11.31 35.99
CA VAL B 182 -4.90 11.39 35.44
C VAL B 182 -4.92 11.48 33.91
N HIS B 183 -4.15 12.42 33.34
CA HIS B 183 -3.97 12.62 31.88
C HIS B 183 -2.48 12.78 31.62
N THR B 184 -1.86 11.84 30.93
CA THR B 184 -0.46 11.98 30.47
C THR B 184 -0.53 12.21 28.97
N PHE B 185 -0.09 13.38 28.53
CA PHE B 185 -0.22 13.84 27.13
C PHE B 185 0.77 13.09 26.25
N PRO B 186 0.50 12.95 24.93
CA PRO B 186 1.52 12.46 24.02
C PRO B 186 2.66 13.48 24.02
N ALA B 187 3.86 12.99 23.82
CA ALA B 187 5.12 13.76 23.84
C ALA B 187 5.14 14.70 22.64
N VAL B 188 5.74 15.87 22.71
CA VAL B 188 6.05 16.63 21.45
C VAL B 188 7.55 16.64 21.22
N LEU B 189 7.95 16.62 19.98
CA LEU B 189 9.35 16.79 19.59
C LEU B 189 9.65 18.29 19.52
N GLN B 190 10.54 18.79 20.38
CA GLN B 190 11.00 20.20 20.39
C GLN B 190 12.05 20.43 19.28
N SER B 191 12.26 21.69 18.88
CA SER B 191 13.33 22.15 17.95
C SER B 191 14.70 21.65 18.42
N SER B 192 14.88 21.35 19.71
CA SER B 192 16.14 20.77 20.24
C SER B 192 16.32 19.32 19.76
N GLY B 193 15.27 18.67 19.23
CA GLY B 193 15.25 17.26 18.84
C GLY B 193 15.06 16.37 20.05
N LEU B 194 14.64 16.93 21.17
CA LEU B 194 14.39 16.17 22.42
C LEU B 194 12.88 16.20 22.64
N TYR B 195 12.35 15.19 23.29
CA TYR B 195 10.92 15.08 23.62
C TYR B 195 10.62 15.79 24.94
N SER B 196 9.36 16.25 25.08
CA SER B 196 8.75 16.78 26.32
C SER B 196 7.30 16.34 26.45
N LEU B 197 6.86 16.11 27.69
CA LEU B 197 5.43 15.82 28.00
C LEU B 197 5.10 16.31 29.39
N SER B 198 3.80 16.50 29.64
CA SER B 198 3.34 16.72 31.02
C SER B 198 2.34 15.65 31.33
N SER B 199 2.23 15.37 32.61
CA SER B 199 1.18 14.54 33.23
C SER B 199 0.50 15.41 34.28
N VAL B 200 -0.83 15.45 34.28
CA VAL B 200 -1.65 16.20 35.24
C VAL B 200 -2.74 15.29 35.81
N VAL B 201 -3.25 15.68 36.95
CA VAL B 201 -4.37 15.04 37.68
C VAL B 201 -5.16 16.17 38.35
N THR B 202 -6.49 16.06 38.33
CA THR B 202 -7.39 16.98 39.05
C THR B 202 -7.66 16.29 40.35
N VAL B 203 -7.66 17.06 41.44
CA VAL B 203 -7.85 16.48 42.79
C VAL B 203 -8.75 17.42 43.55
N PRO B 204 -9.53 16.85 44.51
CA PRO B 204 -10.31 17.65 45.44
C PRO B 204 -9.24 18.54 46.06
N SER B 205 -9.47 19.84 46.10
CA SER B 205 -8.55 20.79 46.77
C SER B 205 -8.36 20.36 48.22
N SER B 206 -9.43 19.86 48.83
CA SER B 206 -9.49 19.40 50.23
C SER B 206 -8.33 18.44 50.51
N SER B 207 -7.87 17.67 49.53
CA SER B 207 -6.83 16.62 49.73
C SER B 207 -5.42 17.25 49.81
N LEU B 208 -5.26 18.49 49.28
CA LEU B 208 -3.93 19.18 49.12
C LEU B 208 -3.68 20.08 50.33
N GLY B 209 -2.49 19.97 50.92
CA GLY B 209 -2.27 20.22 52.36
C GLY B 209 -2.20 18.92 53.15
N THR B 210 -3.15 18.00 52.97
CA THR B 210 -3.23 16.69 53.69
C THR B 210 -2.62 15.54 52.87
N GLN B 211 -3.11 15.31 51.66
CA GLN B 211 -2.67 14.17 50.81
C GLN B 211 -1.40 14.64 50.07
N THR B 212 -0.36 13.81 50.12
CA THR B 212 0.89 13.91 49.36
C THR B 212 0.57 13.51 47.91
N TYR B 213 1.20 14.18 46.94
CA TYR B 213 1.09 13.92 45.49
C TYR B 213 2.48 13.85 44.90
N ILE B 214 2.89 12.63 44.50
CA ILE B 214 4.22 12.28 43.95
C ILE B 214 4.00 11.71 42.56
N CYS B 215 4.69 12.24 41.55
CA CYS B 215 4.68 11.65 40.20
C CYS B 215 5.91 10.76 40.06
N ASN B 216 5.69 9.54 39.58
CA ASN B 216 6.72 8.51 39.37
C ASN B 216 6.98 8.49 37.86
N VAL B 217 8.15 8.96 37.46
CA VAL B 217 8.55 9.09 36.04
C VAL B 217 9.57 7.97 35.72
N ASN B 218 9.33 7.17 34.68
CA ASN B 218 10.20 6.04 34.28
C ASN B 218 10.57 6.21 32.82
N HIS B 219 11.87 6.44 32.52
CA HIS B 219 12.45 6.49 31.15
C HIS B 219 13.36 5.27 30.99
N LYS B 220 12.84 4.18 30.44
CA LYS B 220 13.55 2.88 30.37
C LYS B 220 14.79 2.99 29.49
N PRO B 221 14.78 3.66 28.31
CA PRO B 221 15.98 3.76 27.49
C PRO B 221 17.22 4.25 28.26
N SER B 222 17.06 5.21 29.18
CA SER B 222 18.17 5.73 30.02
C SER B 222 18.17 5.11 31.43
N ASN B 223 17.32 4.11 31.72
CA ASN B 223 17.19 3.54 33.09
C ASN B 223 17.07 4.67 34.13
N THR B 224 16.19 5.62 33.92
CA THR B 224 15.99 6.77 34.82
C THR B 224 14.62 6.62 35.46
N LYS B 225 14.55 6.48 36.79
CA LYS B 225 13.28 6.61 37.58
C LYS B 225 13.37 7.84 38.47
N VAL B 226 12.38 8.72 38.48
CA VAL B 226 12.39 10.02 39.23
C VAL B 226 11.05 10.16 39.93
N ASP B 227 11.07 10.43 41.23
CA ASP B 227 9.88 10.68 42.07
C ASP B 227 9.89 12.17 42.43
N LYS B 228 8.95 12.96 41.92
CA LYS B 228 8.88 14.40 42.29
C LYS B 228 7.63 14.58 43.17
N LYS B 229 7.82 14.94 44.45
CA LYS B 229 6.72 15.47 45.31
C LYS B 229 6.22 16.79 44.66
N VAL B 230 4.89 16.97 44.57
CA VAL B 230 4.26 18.21 44.03
C VAL B 230 3.40 18.85 45.12
N GLU B 231 3.83 19.99 45.65
CA GLU B 231 3.10 20.72 46.73
C GLU B 231 2.78 22.14 46.27
N PRO B 232 1.82 22.82 46.94
CA PRO B 232 1.37 24.15 46.54
C PRO B 232 2.45 25.26 46.53
N SER C 1 3.43 8.31 -8.93
CA SER C 1 2.58 7.48 -9.84
C SER C 1 1.91 6.38 -9.00
N ASP C 2 2.12 6.41 -7.69
CA ASP C 2 1.42 5.53 -6.74
C ASP C 2 -0.06 5.84 -6.79
N ILE C 3 -0.93 4.86 -6.65
CA ILE C 3 -2.39 5.15 -6.55
C ILE C 3 -2.63 5.74 -5.17
N GLN C 4 -3.29 6.87 -5.12
CA GLN C 4 -3.69 7.46 -3.82
C GLN C 4 -5.10 6.98 -3.47
N MET C 5 -5.31 6.66 -2.19
CA MET C 5 -6.59 6.19 -1.59
C MET C 5 -7.00 7.25 -0.56
N THR C 6 -8.00 8.05 -0.90
CA THR C 6 -8.41 9.19 -0.06
C THR C 6 -9.57 8.67 0.76
N GLN C 7 -9.37 8.56 2.06
CA GLN C 7 -10.37 7.99 2.97
C GLN C 7 -11.01 9.14 3.74
N SER C 8 -12.34 9.15 3.93
CA SER C 8 -13.04 10.18 4.76
C SER C 8 -14.17 9.53 5.55
N PRO C 9 -14.47 10.06 6.76
CA PRO C 9 -13.66 11.12 7.37
C PRO C 9 -12.49 10.60 8.22
N SER C 10 -11.57 11.48 8.60
CA SER C 10 -10.42 11.15 9.49
C SER C 10 -11.00 10.74 10.84
N SER C 11 -12.09 11.37 11.25
CA SER C 11 -12.76 10.91 12.48
C SER C 11 -14.24 11.19 12.37
N LEU C 12 -15.03 10.40 13.06
CA LEU C 12 -16.47 10.67 13.16
C LEU C 12 -16.86 10.20 14.53
N SER C 13 -17.92 10.77 15.07
CA SER C 13 -18.51 10.42 16.37
C SER C 13 -19.85 9.72 16.09
N ALA C 14 -20.18 8.69 16.85
CA ALA C 14 -21.37 7.85 16.68
C ALA C 14 -21.80 7.30 18.03
N SER C 15 -23.03 6.81 18.10
CA SER C 15 -23.59 6.13 19.29
C SER C 15 -23.83 4.67 18.94
N VAL C 16 -24.02 3.80 19.92
CA VAL C 16 -24.40 2.40 19.65
C VAL C 16 -25.77 2.39 18.93
N GLY C 17 -25.92 1.60 17.87
CA GLY C 17 -27.19 1.54 17.12
C GLY C 17 -27.15 2.37 15.83
N ASP C 18 -26.18 3.27 15.69
CA ASP C 18 -26.03 4.11 14.46
C ASP C 18 -25.61 3.23 13.27
N ARG C 19 -26.06 3.60 12.08
CA ARG C 19 -25.48 3.21 10.79
C ARG C 19 -24.30 4.16 10.53
N VAL C 20 -23.12 3.62 10.33
CA VAL C 20 -21.88 4.38 10.09
C VAL C 20 -21.42 4.05 8.68
N THR C 21 -20.97 5.07 8.00
CA THR C 21 -20.53 4.95 6.61
C THR C 21 -19.15 5.61 6.52
N ILE C 22 -18.19 4.89 5.95
CA ILE C 22 -16.77 5.33 5.72
C ILE C 22 -16.45 5.16 4.26
N THR C 23 -15.87 6.17 3.66
CA THR C 23 -15.63 6.23 2.25
C THR C 23 -14.13 6.25 1.96
N CYS C 24 -13.80 5.71 0.80
CA CYS C 24 -12.45 5.68 0.23
C CYS C 24 -12.59 5.90 -1.26
N ARG C 25 -11.73 6.72 -1.83
CA ARG C 25 -11.78 7.08 -3.26
C ARG C 25 -10.40 6.80 -3.83
N ALA C 26 -10.33 6.00 -4.90
CA ALA C 26 -9.05 5.67 -5.56
C ALA C 26 -8.76 6.76 -6.58
N SER C 27 -7.49 7.18 -6.81
CA SER C 27 -7.13 8.24 -7.78
C SER C 27 -7.31 7.73 -9.22
N GLN C 28 -7.28 6.42 -9.47
CA GLN C 28 -7.47 5.70 -10.76
C GLN C 28 -8.31 4.44 -10.47
N SER C 29 -8.85 3.80 -11.51
CA SER C 29 -9.58 2.53 -11.38
C SER C 29 -8.67 1.48 -10.72
N VAL C 30 -9.17 0.84 -9.68
CA VAL C 30 -8.46 -0.28 -9.00
C VAL C 30 -9.35 -1.51 -9.12
N SER C 31 -10.21 -1.55 -10.13
CA SER C 31 -11.25 -2.58 -10.26
C SER C 31 -11.91 -2.71 -8.88
N SER C 32 -12.06 -3.92 -8.34
N SER C 32 -12.12 -3.93 -8.40
CA SER C 32 -12.70 -4.13 -7.01
CA SER C 32 -12.71 -4.19 -7.06
C SER C 32 -11.66 -4.44 -5.91
C SER C 32 -11.64 -4.67 -6.05
N ALA C 33 -10.38 -4.25 -6.22
CA ALA C 33 -9.23 -4.73 -5.41
C ALA C 33 -9.00 -3.84 -4.17
N VAL C 34 -10.02 -3.75 -3.32
CA VAL C 34 -10.04 -2.90 -2.13
C VAL C 34 -10.40 -3.76 -0.94
N ALA C 35 -9.65 -3.62 0.15
CA ALA C 35 -9.96 -4.33 1.42
C ALA C 35 -10.11 -3.31 2.55
N TRP C 36 -10.80 -3.71 3.61
CA TRP C 36 -11.02 -2.88 4.80
C TRP C 36 -10.52 -3.64 6.01
N TYR C 37 -9.87 -2.90 6.90
CA TYR C 37 -9.21 -3.40 8.14
C TYR C 37 -9.65 -2.55 9.33
N GLN C 38 -9.80 -3.20 10.45
CA GLN C 38 -10.09 -2.58 11.73
C GLN C 38 -8.81 -2.64 12.54
N GLN C 39 -8.57 -1.67 13.41
CA GLN C 39 -7.44 -1.77 14.37
C GLN C 39 -7.86 -1.07 15.64
N LYS C 40 -7.63 -1.74 16.72
CA LYS C 40 -7.81 -1.19 18.08
C LYS C 40 -6.45 -0.82 18.62
N PRO C 41 -6.42 0.17 19.55
CA PRO C 41 -5.19 0.58 20.21
C PRO C 41 -4.39 -0.62 20.74
N GLY C 42 -3.11 -0.63 20.39
CA GLY C 42 -2.13 -1.65 20.78
C GLY C 42 -2.30 -2.98 20.06
N LYS C 43 -3.13 -3.10 19.03
CA LYS C 43 -3.38 -4.43 18.42
C LYS C 43 -3.09 -4.36 16.92
N ALA C 44 -2.84 -5.50 16.27
CA ALA C 44 -2.63 -5.57 14.81
C ALA C 44 -3.97 -5.34 14.12
N PRO C 45 -3.94 -4.80 12.91
CA PRO C 45 -5.13 -4.75 12.05
C PRO C 45 -5.75 -6.14 11.82
N LYS C 46 -7.06 -6.12 11.62
CA LYS C 46 -7.86 -7.32 11.33
C LYS C 46 -8.61 -7.07 10.01
N LEU C 47 -8.54 -7.99 9.06
CA LEU C 47 -9.31 -7.96 7.78
C LEU C 47 -10.82 -8.05 8.05
N LEU C 48 -11.61 -7.15 7.48
CA LEU C 48 -13.08 -7.24 7.56
C LEU C 48 -13.64 -7.63 6.19
N ILE C 49 -13.16 -6.99 5.11
CA ILE C 49 -13.84 -7.06 3.77
C ILE C 49 -12.71 -7.14 2.77
N TYR C 50 -12.82 -7.97 1.72
CA TYR C 50 -11.85 -8.01 0.59
C TYR C 50 -12.65 -7.94 -0.71
N SER C 51 -12.00 -7.69 -1.82
CA SER C 51 -12.61 -7.33 -3.12
C SER C 51 -13.87 -6.49 -2.95
N ALA C 52 -13.77 -5.41 -2.17
CA ALA C 52 -14.75 -4.31 -2.06
C ALA C 52 -15.95 -4.78 -1.26
N SER C 53 -16.39 -6.03 -1.39
CA SER C 53 -17.71 -6.43 -0.82
C SER C 53 -17.75 -7.83 -0.25
N SER C 54 -16.65 -8.57 -0.26
CA SER C 54 -16.70 -9.96 0.28
C SER C 54 -16.41 -9.85 1.78
N LEU C 55 -17.32 -10.35 2.59
CA LEU C 55 -17.15 -10.41 4.06
C LEU C 55 -16.14 -11.54 4.40
N TYR C 56 -15.16 -11.25 5.23
CA TYR C 56 -14.10 -12.24 5.57
C TYR C 56 -14.70 -13.20 6.57
N SER C 57 -14.33 -14.47 6.51
CA SER C 57 -14.77 -15.53 7.45
C SER C 57 -14.74 -15.04 8.90
N GLY C 58 -15.85 -15.19 9.62
CA GLY C 58 -15.97 -14.90 11.07
C GLY C 58 -16.30 -13.45 11.38
N VAL C 59 -16.36 -12.58 10.38
CA VAL C 59 -16.68 -11.15 10.60
C VAL C 59 -18.19 -11.04 10.66
N PRO C 60 -18.73 -10.32 11.67
CA PRO C 60 -20.18 -10.11 11.77
C PRO C 60 -20.78 -9.49 10.49
N SER C 61 -22.02 -9.84 10.22
CA SER C 61 -22.71 -9.45 8.96
C SER C 61 -23.15 -7.98 9.00
N ARG C 62 -23.00 -7.28 10.12
CA ARG C 62 -23.34 -5.84 10.21
C ARG C 62 -22.30 -5.03 9.46
N PHE C 63 -21.12 -5.59 9.14
CA PHE C 63 -20.14 -4.97 8.23
C PHE C 63 -20.47 -5.34 6.78
N SER C 64 -20.57 -4.35 5.90
CA SER C 64 -20.73 -4.59 4.44
C SER C 64 -19.84 -3.58 3.71
N GLY C 65 -19.44 -3.94 2.52
CA GLY C 65 -18.67 -3.05 1.65
C GLY C 65 -19.35 -2.95 0.31
N SER C 66 -19.22 -1.80 -0.34
CA SER C 66 -19.73 -1.65 -1.73
C SER C 66 -18.83 -0.72 -2.53
N ARG C 67 -19.02 -0.77 -3.85
CA ARG C 67 -18.23 0.01 -4.81
C ARG C 67 -19.17 0.73 -5.74
N SER C 68 -18.79 1.93 -6.14
CA SER C 68 -19.33 2.67 -7.29
C SER C 68 -18.15 3.34 -8.02
N GLY C 69 -17.71 2.79 -9.14
CA GLY C 69 -16.54 3.26 -9.92
C GLY C 69 -15.25 3.26 -9.10
N THR C 70 -14.79 4.43 -8.65
CA THR C 70 -13.58 4.55 -7.81
C THR C 70 -13.95 4.92 -6.39
N ASP C 71 -15.25 5.00 -6.09
CA ASP C 71 -15.77 5.20 -4.71
C ASP C 71 -16.04 3.85 -4.04
N PHE C 72 -15.57 3.70 -2.80
CA PHE C 72 -15.69 2.46 -2.00
C PHE C 72 -16.24 2.87 -0.64
N THR C 73 -17.17 2.08 -0.08
CA THR C 73 -17.87 2.41 1.16
C THR C 73 -17.79 1.22 2.08
N LEU C 74 -17.40 1.43 3.33
CA LEU C 74 -17.60 0.45 4.40
C LEU C 74 -18.82 0.89 5.20
N THR C 75 -19.77 0.00 5.42
CA THR C 75 -20.97 0.32 6.21
C THR C 75 -21.07 -0.58 7.43
N ILE C 76 -21.24 0.05 8.59
CA ILE C 76 -21.64 -0.66 9.83
C ILE C 76 -23.13 -0.39 10.04
N SER C 77 -23.97 -1.38 9.82
CA SER C 77 -25.45 -1.21 9.75
C SER C 77 -25.94 -0.77 11.13
N SER C 78 -25.37 -1.34 12.21
CA SER C 78 -25.81 -0.97 13.59
C SER C 78 -24.65 -1.03 14.59
N LEU C 79 -24.06 0.11 14.91
CA LEU C 79 -22.72 0.14 15.56
C LEU C 79 -22.85 -0.51 16.92
N GLN C 80 -21.93 -1.43 17.26
CA GLN C 80 -21.88 -2.03 18.61
C GLN C 80 -20.66 -1.52 19.37
N PRO C 81 -20.63 -1.64 20.71
CA PRO C 81 -19.55 -1.08 21.51
C PRO C 81 -18.14 -1.49 21.02
N GLU C 82 -18.00 -2.75 20.58
CA GLU C 82 -16.70 -3.32 20.15
C GLU C 82 -16.27 -2.74 18.78
N ASP C 83 -17.08 -1.90 18.12
CA ASP C 83 -16.76 -1.34 16.78
C ASP C 83 -16.15 0.07 16.87
N PHE C 84 -16.06 0.69 18.05
CA PHE C 84 -15.26 1.93 18.26
C PHE C 84 -13.78 1.54 18.06
N ALA C 85 -13.14 2.06 17.03
CA ALA C 85 -11.85 1.55 16.51
C ALA C 85 -11.36 2.47 15.39
N THR C 86 -10.21 2.16 14.81
CA THR C 86 -9.75 2.82 13.57
C THR C 86 -9.98 1.85 12.41
N TYR C 87 -10.45 2.35 11.27
CA TYR C 87 -10.64 1.57 10.02
C TYR C 87 -9.73 2.10 8.92
N TYR C 88 -9.15 1.20 8.13
CA TYR C 88 -8.29 1.55 6.98
C TYR C 88 -8.81 0.84 5.72
N CYS C 89 -8.83 1.50 4.58
CA CYS C 89 -9.00 0.85 3.25
C CYS C 89 -7.60 0.64 2.66
N GLN C 90 -7.46 -0.34 1.77
CA GLN C 90 -6.20 -0.69 1.08
C GLN C 90 -6.55 -1.07 -0.36
N GLN C 91 -5.79 -0.58 -1.34
CA GLN C 91 -5.92 -1.12 -2.73
C GLN C 91 -4.74 -2.06 -2.94
N SER C 92 -4.94 -3.21 -3.63
CA SER C 92 -3.90 -4.20 -3.96
C SER C 92 -3.92 -4.43 -5.47
N TYR C 93 -4.56 -3.53 -6.24
CA TYR C 93 -4.59 -3.64 -7.71
C TYR C 93 -3.19 -3.37 -8.27
N TYR C 94 -2.61 -2.24 -7.94
CA TYR C 94 -1.28 -1.81 -8.42
C TYR C 94 -0.30 -1.99 -7.25
N LYS C 95 0.95 -2.32 -7.54
N LYS C 95 0.96 -2.36 -7.52
CA LYS C 95 2.06 -2.15 -6.57
CA LYS C 95 2.08 -2.14 -6.56
C LYS C 95 2.78 -0.83 -6.92
C LYS C 95 2.75 -0.80 -6.92
N PRO C 96 3.18 -0.02 -5.89
CA PRO C 96 3.01 -0.40 -4.49
C PRO C 96 1.57 -0.34 -3.94
N ILE C 97 1.30 -1.27 -3.04
CA ILE C 97 0.12 -1.30 -2.13
C ILE C 97 -0.01 0.06 -1.40
N THR C 98 -1.22 0.62 -1.33
CA THR C 98 -1.47 1.91 -0.68
C THR C 98 -2.67 1.78 0.23
N PHE C 99 -2.55 2.40 1.40
CA PHE C 99 -3.58 2.50 2.44
C PHE C 99 -4.24 3.87 2.45
N GLY C 100 -5.51 3.93 2.82
CA GLY C 100 -6.18 5.16 3.24
C GLY C 100 -5.55 5.63 4.53
N GLN C 101 -5.85 6.88 4.88
N GLN C 101 -5.75 6.88 4.93
CA GLN C 101 -5.28 7.67 6.02
CA GLN C 101 -5.01 7.42 6.10
C GLN C 101 -5.78 7.09 7.34
C GLN C 101 -5.88 7.28 7.36
N GLY C 102 -6.97 6.51 7.30
CA GLY C 102 -7.65 5.93 8.46
C GLY C 102 -8.88 6.75 8.85
N THR C 103 -9.83 6.14 9.53
CA THR C 103 -11.02 6.81 10.10
C THR C 103 -11.12 6.30 11.51
N LYS C 104 -11.09 7.19 12.48
CA LYS C 104 -11.26 6.82 13.87
C LYS C 104 -12.76 6.97 14.20
N VAL C 105 -13.40 5.94 14.67
CA VAL C 105 -14.82 5.99 15.08
C VAL C 105 -14.84 6.24 16.60
N GLU C 106 -15.25 7.43 17.01
CA GLU C 106 -15.26 7.89 18.42
C GLU C 106 -16.68 7.92 18.97
N ILE C 107 -16.76 8.02 20.29
CA ILE C 107 -18.02 7.97 21.04
C ILE C 107 -18.62 9.38 21.00
N LYS C 108 -19.83 9.51 20.46
CA LYS C 108 -20.63 10.75 20.55
C LYS C 108 -21.07 10.97 22.00
N ARG C 109 -20.90 12.19 22.49
CA ARG C 109 -21.41 12.66 23.80
C ARG C 109 -21.83 14.12 23.65
N THR C 110 -22.37 14.70 24.70
CA THR C 110 -22.76 16.13 24.73
C THR C 110 -21.53 17.02 24.86
N VAL C 111 -21.64 18.23 24.31
CA VAL C 111 -20.65 19.32 24.41
C VAL C 111 -20.31 19.55 25.90
N ALA C 112 -19.05 19.69 26.21
CA ALA C 112 -18.58 19.96 27.60
C ALA C 112 -17.45 20.95 27.45
N ALA C 113 -17.60 22.12 28.06
CA ALA C 113 -16.62 23.20 28.07
C ALA C 113 -15.40 22.77 28.88
N PRO C 114 -14.18 23.17 28.48
CA PRO C 114 -12.98 22.82 29.23
C PRO C 114 -12.97 23.61 30.53
N SER C 115 -12.42 23.05 31.60
CA SER C 115 -11.94 23.84 32.77
C SER C 115 -10.45 24.21 32.50
N VAL C 116 -10.06 25.45 32.73
CA VAL C 116 -8.74 25.98 32.27
C VAL C 116 -7.86 26.27 33.50
N PHE C 117 -6.60 25.86 33.45
CA PHE C 117 -5.64 26.02 34.56
C PHE C 117 -4.36 26.56 33.94
N ILE C 118 -3.66 27.50 34.60
CA ILE C 118 -2.37 28.03 34.10
C ILE C 118 -1.31 27.70 35.14
N PHE C 119 -0.13 27.23 34.72
CA PHE C 119 0.99 26.99 35.65
C PHE C 119 2.23 27.80 35.29
N PRO C 120 2.74 28.65 36.19
CA PRO C 120 4.00 29.35 35.96
C PRO C 120 5.12 28.32 35.94
N PRO C 121 6.29 28.67 35.41
CA PRO C 121 7.49 27.81 35.48
C PRO C 121 8.02 27.66 36.90
N SER C 122 8.42 26.47 37.32
CA SER C 122 8.99 26.19 38.66
C SER C 122 10.29 26.99 38.80
N ASP C 123 10.70 27.25 40.05
CA ASP C 123 12.01 27.83 40.39
C ASP C 123 13.11 26.86 39.95
N SER C 124 12.81 25.58 40.12
CA SER C 124 13.69 24.47 39.72
C SER C 124 14.04 24.65 38.24
N GLN C 125 13.07 24.92 37.36
CA GLN C 125 13.34 25.02 35.90
C GLN C 125 14.10 26.31 35.58
N LEU C 126 13.72 27.41 36.21
CA LEU C 126 14.35 28.71 35.92
C LEU C 126 15.87 28.64 36.19
N LYS C 127 16.30 27.82 37.15
CA LYS C 127 17.74 27.69 37.50
C LYS C 127 18.52 27.20 36.28
N SER C 128 17.95 26.36 35.44
CA SER C 128 18.66 25.78 34.27
C SER C 128 18.58 26.70 33.05
N GLY C 129 17.76 27.75 33.03
CA GLY C 129 17.85 28.79 31.98
C GLY C 129 16.68 28.81 30.99
N THR C 130 15.66 27.99 31.24
CA THR C 130 14.43 27.91 30.40
C THR C 130 13.22 28.05 31.32
N ALA C 131 12.14 28.55 30.77
CA ALA C 131 10.87 28.75 31.51
C ALA C 131 9.80 28.22 30.56
N SER C 132 9.02 27.25 31.03
CA SER C 132 7.85 26.70 30.32
C SER C 132 6.63 27.16 31.11
N VAL C 133 5.70 27.83 30.46
CA VAL C 133 4.38 28.18 31.05
C VAL C 133 3.40 27.20 30.43
N VAL C 134 2.58 26.53 31.25
CA VAL C 134 1.68 25.47 30.78
C VAL C 134 0.22 25.89 31.02
N CYS C 135 -0.56 25.82 29.94
CA CYS C 135 -2.02 26.05 29.92
C CYS C 135 -2.68 24.66 29.74
N LEU C 136 -3.52 24.26 30.68
CA LEU C 136 -4.26 22.98 30.63
C LEU C 136 -5.76 23.26 30.40
N LEU C 137 -6.31 22.69 29.34
CA LEU C 137 -7.77 22.61 29.12
C LEU C 137 -8.20 21.17 29.46
N ASN C 138 -9.02 21.01 30.48
CA ASN C 138 -9.33 19.67 31.04
C ASN C 138 -10.77 19.26 30.71
N ASN C 139 -10.94 18.05 30.14
CA ASN C 139 -12.20 17.26 30.12
C ASN C 139 -13.28 17.98 29.31
N PHE C 140 -13.04 18.15 28.02
CA PHE C 140 -13.92 18.96 27.15
C PHE C 140 -14.34 18.10 25.96
N TYR C 141 -15.36 18.55 25.24
CA TYR C 141 -15.85 17.82 24.05
C TYR C 141 -16.64 18.80 23.21
N PRO C 142 -16.48 18.86 21.87
CA PRO C 142 -15.59 17.97 21.10
C PRO C 142 -14.12 18.45 21.11
N ARG C 143 -13.29 17.86 20.25
CA ARG C 143 -11.81 17.99 20.31
C ARG C 143 -11.32 19.42 19.95
N GLU C 144 -12.05 20.18 19.13
CA GLU C 144 -11.57 21.45 18.53
C GLU C 144 -11.56 22.49 19.64
N ALA C 145 -10.47 23.22 19.79
CA ALA C 145 -10.27 24.23 20.85
C ALA C 145 -9.21 25.20 20.31
N LYS C 146 -9.22 26.42 20.77
CA LYS C 146 -8.13 27.37 20.42
C LYS C 146 -7.55 27.97 21.70
N VAL C 147 -6.24 28.05 21.76
CA VAL C 147 -5.51 28.68 22.89
C VAL C 147 -4.67 29.80 22.30
N GLN C 148 -4.80 31.02 22.79
CA GLN C 148 -3.89 32.13 22.35
C GLN C 148 -3.14 32.57 23.59
N TRP C 149 -1.83 32.80 23.45
CA TRP C 149 -0.96 33.26 24.55
C TRP C 149 -0.72 34.75 24.35
N LYS C 150 -0.68 35.43 25.47
CA LYS C 150 -0.44 36.87 25.62
C LYS C 150 0.55 37.11 26.76
N VAL C 151 1.62 37.84 26.47
CA VAL C 151 2.62 38.33 27.45
C VAL C 151 2.61 39.86 27.37
N ASP C 152 2.26 40.51 28.47
CA ASP C 152 2.03 41.99 28.54
C ASP C 152 1.28 42.46 27.29
N ASN C 153 0.16 41.83 27.02
CA ASN C 153 -0.78 42.21 25.94
C ASN C 153 -0.15 42.03 24.56
N ALA C 154 0.98 41.34 24.45
CA ALA C 154 1.55 40.92 23.16
C ALA C 154 1.12 39.47 22.86
N LEU C 155 0.41 39.31 21.75
CA LEU C 155 0.02 38.02 21.15
C LEU C 155 1.29 37.25 20.75
N GLN C 156 1.41 36.01 21.23
CA GLN C 156 2.62 35.16 21.04
C GLN C 156 2.39 34.27 19.83
N SER C 157 3.35 34.19 18.92
CA SER C 157 3.26 33.18 17.84
C SER C 157 4.61 32.50 17.68
N GLY C 158 4.58 31.18 17.43
CA GLY C 158 5.75 30.38 17.02
C GLY C 158 6.53 29.89 18.23
N ASN C 159 6.14 30.18 19.45
CA ASN C 159 6.91 29.76 20.65
C ASN C 159 6.04 28.87 21.54
N SER C 160 4.95 28.27 21.02
CA SER C 160 4.08 27.36 21.82
C SER C 160 3.85 26.05 21.05
N GLN C 161 3.64 24.96 21.79
CA GLN C 161 3.31 23.65 21.16
C GLN C 161 2.12 23.09 21.94
N GLU C 162 1.25 22.39 21.28
CA GLU C 162 0.03 21.83 21.90
C GLU C 162 0.12 20.29 21.84
N SER C 163 -0.51 19.59 22.79
CA SER C 163 -0.65 18.12 22.76
C SER C 163 -2.04 17.78 23.29
N VAL C 164 -2.73 16.86 22.63
CA VAL C 164 -4.12 16.44 22.97
C VAL C 164 -4.16 14.95 23.26
N THR C 165 -4.95 14.57 24.25
CA THR C 165 -5.18 13.15 24.58
C THR C 165 -6.16 12.56 23.56
N GLU C 166 -6.17 11.25 23.49
CA GLU C 166 -7.27 10.50 22.82
C GLU C 166 -8.46 10.57 23.78
N GLN C 167 -9.64 10.24 23.28
CA GLN C 167 -10.90 10.24 24.07
C GLN C 167 -10.75 9.40 25.34
N ASP C 168 -11.11 9.92 26.50
CA ASP C 168 -11.06 9.18 27.78
C ASP C 168 -12.04 8.00 27.69
N SER C 169 -11.64 6.82 28.20
CA SER C 169 -12.47 5.58 28.25
C SER C 169 -13.73 5.77 29.12
N LYS C 170 -13.64 6.52 30.22
CA LYS C 170 -14.77 6.70 31.18
C LYS C 170 -15.77 7.78 30.68
N ASP C 171 -15.32 9.00 30.35
CA ASP C 171 -16.26 10.15 30.14
C ASP C 171 -16.29 10.58 28.66
N SER C 172 -15.44 10.04 27.80
CA SER C 172 -15.44 10.31 26.34
C SER C 172 -14.99 11.74 26.04
N THR C 173 -14.27 12.38 26.95
CA THR C 173 -13.74 13.76 26.79
C THR C 173 -12.27 13.73 26.36
N TYR C 174 -11.78 14.90 25.95
CA TYR C 174 -10.37 15.17 25.61
C TYR C 174 -9.79 16.12 26.67
N SER C 175 -8.48 16.12 26.78
CA SER C 175 -7.74 17.20 27.46
C SER C 175 -6.59 17.64 26.54
N LEU C 176 -6.13 18.84 26.76
CA LEU C 176 -5.12 19.50 25.92
C LEU C 176 -4.18 20.29 26.82
N SER C 177 -2.90 20.35 26.45
CA SER C 177 -1.92 21.24 27.09
C SER C 177 -1.33 22.11 25.98
N SER C 178 -1.08 23.35 26.28
CA SER C 178 -0.31 24.27 25.41
C SER C 178 0.84 24.76 26.30
N THR C 179 2.04 24.64 25.82
CA THR C 179 3.24 25.02 26.56
C THR C 179 3.92 26.14 25.77
N LEU C 180 4.11 27.27 26.43
CA LEU C 180 4.84 28.46 25.96
C LEU C 180 6.27 28.32 26.49
N THR C 181 7.27 28.34 25.62
CA THR C 181 8.67 28.17 26.03
C THR C 181 9.36 29.51 25.80
N LEU C 182 10.03 30.01 26.83
CA LEU C 182 10.80 31.26 26.78
C LEU C 182 12.19 31.00 27.37
N SER C 183 13.21 31.75 26.96
CA SER C 183 14.45 31.84 27.74
C SER C 183 14.13 32.48 29.10
N LYS C 184 14.87 32.09 30.12
CA LYS C 184 14.78 32.70 31.48
C LYS C 184 14.83 34.22 31.33
N ALA C 185 15.78 34.73 30.54
CA ALA C 185 16.04 36.16 30.34
C ALA C 185 14.77 36.79 29.84
N ASP C 186 14.12 36.22 28.80
CA ASP C 186 12.84 36.76 28.27
C ASP C 186 11.71 36.63 29.33
N TYR C 187 11.63 35.53 30.06
CA TYR C 187 10.55 35.35 31.06
C TYR C 187 10.68 36.43 32.13
N GLU C 188 11.93 36.79 32.46
CA GLU C 188 12.14 37.77 33.57
C GLU C 188 11.90 39.22 33.09
N LYS C 189 11.83 39.50 31.79
CA LYS C 189 11.54 40.85 31.22
C LYS C 189 10.04 41.20 31.32
N HIS C 190 9.12 40.25 31.53
CA HIS C 190 7.68 40.57 31.34
C HIS C 190 6.95 40.27 32.64
N LYS C 191 5.74 40.79 32.83
CA LYS C 191 5.01 40.63 34.10
C LYS C 191 3.82 39.67 33.92
N VAL C 192 2.94 39.94 32.95
CA VAL C 192 1.61 39.25 32.92
C VAL C 192 1.68 38.18 31.83
N TYR C 193 1.34 36.97 32.23
CA TYR C 193 1.28 35.76 31.36
C TYR C 193 -0.16 35.30 31.35
N ALA C 194 -0.79 35.19 30.18
CA ALA C 194 -2.20 34.80 30.04
C ALA C 194 -2.36 33.81 28.88
N CYS C 195 -3.22 32.83 29.05
CA CYS C 195 -3.71 32.01 27.92
C CYS C 195 -5.21 32.28 27.81
N GLU C 196 -5.67 32.46 26.56
CA GLU C 196 -7.11 32.72 26.24
C GLU C 196 -7.67 31.50 25.51
N VAL C 197 -8.79 30.93 25.99
CA VAL C 197 -9.40 29.69 25.42
C VAL C 197 -10.78 29.98 24.79
N THR C 198 -10.97 29.50 23.55
CA THR C 198 -12.28 29.38 22.90
C THR C 198 -12.59 27.90 22.59
N HIS C 199 -13.86 27.55 22.81
CA HIS C 199 -14.41 26.19 22.70
C HIS C 199 -15.94 26.29 22.53
N GLN C 200 -16.48 25.42 21.70
CA GLN C 200 -17.93 25.31 21.39
C GLN C 200 -18.75 25.36 22.69
N GLY C 201 -18.26 24.79 23.79
CA GLY C 201 -18.91 24.72 25.12
C GLY C 201 -18.88 26.05 25.90
N LEU C 202 -18.09 27.02 25.46
CA LEU C 202 -17.88 28.32 26.16
C LEU C 202 -18.68 29.41 25.45
N SER C 203 -19.53 30.15 26.14
CA SER C 203 -20.35 31.21 25.49
C SER C 203 -19.49 32.46 25.24
N SER C 204 -18.38 32.63 25.96
CA SER C 204 -17.35 33.62 25.59
C SER C 204 -15.99 33.04 25.99
N PRO C 205 -14.88 33.65 25.53
CA PRO C 205 -13.53 33.18 25.85
C PRO C 205 -13.19 33.23 27.34
N VAL C 206 -12.35 32.31 27.78
CA VAL C 206 -11.85 32.20 29.18
C VAL C 206 -10.36 32.53 29.15
N THR C 207 -9.90 33.41 30.04
CA THR C 207 -8.48 33.71 30.24
C THR C 207 -8.10 33.36 31.67
N LYS C 208 -6.99 32.64 31.81
CA LYS C 208 -6.27 32.45 33.09
C LYS C 208 -4.92 33.17 32.92
N SER C 209 -4.44 33.85 33.94
CA SER C 209 -3.21 34.65 33.86
C SER C 209 -2.54 34.65 35.24
N PHE C 210 -1.26 34.96 35.28
CA PHE C 210 -0.55 35.27 36.54
C PHE C 210 0.42 36.44 36.26
N ASN C 211 0.84 37.11 37.35
CA ASN C 211 1.95 38.09 37.36
C ASN C 211 3.22 37.36 37.79
N ARG C 212 4.31 37.43 37.04
CA ARG C 212 5.59 36.87 37.48
C ARG C 212 5.96 37.60 38.80
N GLY C 213 6.16 36.87 39.90
CA GLY C 213 6.34 37.45 41.25
C GLY C 213 5.22 37.06 42.21
N GLU C 214 4.03 36.73 41.69
CA GLU C 214 2.86 36.17 42.43
C GLU C 214 2.24 37.27 43.29
CL CL D . -12.89 -2.64 -42.65
CL CL E . 12.15 -1.81 34.34
CL CL F . -15.86 10.15 -2.34
#